data_130D
# 
_entry.id   130D 
# 
_audit_conform.dict_name       mmcif_pdbx.dic 
_audit_conform.dict_version    5.385 
_audit_conform.dict_location   http://mmcif.pdb.org/dictionaries/ascii/mmcif_pdbx.dic 
# 
loop_
_database_2.database_id 
_database_2.database_code 
_database_2.pdbx_database_accession 
_database_2.pdbx_DOI 
PDB   130D         pdb_0000130d 10.2210/pdb130d/pdb 
RCSB  GDLB20       ?            ?                   
WWPDB D_1000170073 ?            ?                   
# 
loop_
_pdbx_audit_revision_history.ordinal 
_pdbx_audit_revision_history.data_content_type 
_pdbx_audit_revision_history.major_revision 
_pdbx_audit_revision_history.minor_revision 
_pdbx_audit_revision_history.revision_date 
1 'Structure model' 1 0 1994-01-15 
2 'Structure model' 1 1 2008-05-22 
3 'Structure model' 1 2 2011-07-13 
4 'Structure model' 1 3 2011-08-24 
5 'Structure model' 1 4 2024-02-07 
# 
_pdbx_audit_revision_details.ordinal             1 
_pdbx_audit_revision_details.revision_ordinal    1 
_pdbx_audit_revision_details.data_content_type   'Structure model' 
_pdbx_audit_revision_details.provider            repository 
_pdbx_audit_revision_details.type                'Initial release' 
_pdbx_audit_revision_details.description         ? 
_pdbx_audit_revision_details.details             ? 
# 
loop_
_pdbx_audit_revision_group.ordinal 
_pdbx_audit_revision_group.revision_ordinal 
_pdbx_audit_revision_group.data_content_type 
_pdbx_audit_revision_group.group 
1 2 'Structure model' 'Version format compliance' 
2 3 'Structure model' 'Version format compliance' 
3 4 'Structure model' 'Atomic model'              
4 5 'Structure model' 'Data collection'           
5 5 'Structure model' 'Database references'       
6 5 'Structure model' 'Derived calculations'      
# 
loop_
_pdbx_audit_revision_category.ordinal 
_pdbx_audit_revision_category.revision_ordinal 
_pdbx_audit_revision_category.data_content_type 
_pdbx_audit_revision_category.category 
1 5 'Structure model' chem_comp_atom 
2 5 'Structure model' chem_comp_bond 
3 5 'Structure model' database_2     
4 5 'Structure model' struct_conn    
5 5 'Structure model' struct_site    
# 
loop_
_pdbx_audit_revision_item.ordinal 
_pdbx_audit_revision_item.revision_ordinal 
_pdbx_audit_revision_item.data_content_type 
_pdbx_audit_revision_item.item 
1 5 'Structure model' '_database_2.pdbx_DOI'                
2 5 'Structure model' '_database_2.pdbx_database_accession' 
3 5 'Structure model' '_struct_conn.pdbx_leaving_atom_flag' 
4 5 'Structure model' '_struct_site.pdbx_auth_asym_id'      
5 5 'Structure model' '_struct_site.pdbx_auth_comp_id'      
6 5 'Structure model' '_struct_site.pdbx_auth_seq_id'       
# 
_pdbx_database_status.status_code                     REL 
_pdbx_database_status.entry_id                        130D 
_pdbx_database_status.recvd_initial_deposition_date   1993-06-30 
_pdbx_database_status.deposit_site                    BNL 
_pdbx_database_status.process_site                    NDB 
_pdbx_database_status.SG_entry                        . 
_pdbx_database_status.status_code_sf                  ? 
_pdbx_database_status.status_code_mr                  ? 
_pdbx_database_status.status_code_cs                  ? 
_pdbx_database_status.pdb_format_compatible           Y 
_pdbx_database_status.status_code_nmr_data            ? 
_pdbx_database_status.methods_development_category    ? 
# 
loop_
_audit_author.name 
_audit_author.pdbx_ordinal 
'Sriram, M.'          1 
'Van Der Marel, G.A.' 2 
'Roelen, H.L.P.F.'    3 
'Van Boom, J.H.'      4 
'Wang, A.H.-J.'       5 
# 
_citation.id                        primary 
_citation.title                     
;Conformation of B-DNA containing O6-ethyl-G-C base pairs stabilized by minor groove binding drugs: molecular structure of d(CGC[e6G]AATTCGCG complexed with Hoechst 33258 or Hoechst 33342.
;
_citation.journal_abbrev            'EMBO J.' 
_citation.journal_volume            11 
_citation.page_first                225 
_citation.page_last                 232 
_citation.year                      1992 
_citation.journal_id_ASTM           EMJODG 
_citation.country                   UK 
_citation.journal_id_ISSN           0261-4189 
_citation.journal_id_CSD            0897 
_citation.book_publisher            ? 
_citation.pdbx_database_id_PubMed   1371249 
_citation.pdbx_database_id_DOI      ? 
# 
loop_
_citation_author.citation_id 
_citation_author.name 
_citation_author.ordinal 
_citation_author.identifier_ORCID 
primary 'Sriram, M.'          1 ? 
primary 'van der Marel, G.A.' 2 ? 
primary 'Roelen, H.L.'        3 ? 
primary 'van Boom, J.H.'      4 ? 
primary 'Wang, A.H.'          5 ? 
# 
loop_
_entity.id 
_entity.type 
_entity.src_method 
_entity.pdbx_description 
_entity.formula_weight 
_entity.pdbx_number_of_molecules 
_entity.pdbx_ec 
_entity.pdbx_mutation 
_entity.pdbx_fragment 
_entity.details 
1 polymer     syn 
;DNA (5'-D(*CP*GP*CP*(G36)P*AP*AP*TP*TP*CP*GP*CP*G)-3')
;
3691.445 2  ? ? ? ? 
2 non-polymer syn "2'-(4-ETHOXYPHENYL)-5-(4-METHYL-1-PIPERAZINYL)-2,5'-BI-BENZIMIDAZOLE" 452.551  1  ? ? ? ? 
3 water       nat water                                                                  18.015   68 ? ? ? ? 
# 
_entity_poly.entity_id                      1 
_entity_poly.type                           polydeoxyribonucleotide 
_entity_poly.nstd_linkage                   no 
_entity_poly.nstd_monomer                   yes 
_entity_poly.pdbx_seq_one_letter_code       '(DC)(DG)(DC)(G36)(DA)(DA)(DT)(DT)(DC)(DG)(DC)(DG)' 
_entity_poly.pdbx_seq_one_letter_code_can   CGCGAATTCGCG 
_entity_poly.pdbx_strand_id                 A,B 
_entity_poly.pdbx_target_identifier         ? 
# 
loop_
_pdbx_entity_nonpoly.entity_id 
_pdbx_entity_nonpoly.name 
_pdbx_entity_nonpoly.comp_id 
2 "2'-(4-ETHOXYPHENYL)-5-(4-METHYL-1-PIPERAZINYL)-2,5'-BI-BENZIMIDAZOLE" HT1 
3 water                                                                  HOH 
# 
loop_
_entity_poly_seq.entity_id 
_entity_poly_seq.num 
_entity_poly_seq.mon_id 
_entity_poly_seq.hetero 
1 1  DC  n 
1 2  DG  n 
1 3  DC  n 
1 4  G36 n 
1 5  DA  n 
1 6  DA  n 
1 7  DT  n 
1 8  DT  n 
1 9  DC  n 
1 10 DG  n 
1 11 DC  n 
1 12 DG  n 
# 
loop_
_chem_comp.id 
_chem_comp.type 
_chem_comp.mon_nstd_flag 
_chem_comp.name 
_chem_comp.pdbx_synonyms 
_chem_comp.formula 
_chem_comp.formula_weight 
DA  'DNA linking' y "2'-DEOXYADENOSINE-5'-MONOPHOSPHATE"                                   ?               'C10 H14 N5 O6 P' 
331.222 
DC  'DNA linking' y "2'-DEOXYCYTIDINE-5'-MONOPHOSPHATE"                                    ?               'C9 H14 N3 O7 P'  
307.197 
DG  'DNA linking' y "2'-DEOXYGUANOSINE-5'-MONOPHOSPHATE"                                   ?               'C10 H14 N5 O7 P' 
347.221 
DT  'DNA linking' y "THYMIDINE-5'-MONOPHOSPHATE"                                           ?               'C10 H15 N2 O8 P' 
322.208 
G36 'DNA linking' n "O6-ETHYL-2'-DEOXYGUANOSINE-5'-MONOPHOSPHATE"                          ?               'C12 H18 N5 O7 P' 
375.274 
HOH non-polymer   . WATER                                                                  ?               'H2 O'            
18.015  
HT1 non-polymer   . "2'-(4-ETHOXYPHENYL)-5-(4-METHYL-1-PIPERAZINYL)-2,5'-BI-BENZIMIDAZOLE" 'HOECHST 33342' 'C27 H28 N6 O'    
452.551 
# 
loop_
_pdbx_poly_seq_scheme.asym_id 
_pdbx_poly_seq_scheme.entity_id 
_pdbx_poly_seq_scheme.seq_id 
_pdbx_poly_seq_scheme.mon_id 
_pdbx_poly_seq_scheme.ndb_seq_num 
_pdbx_poly_seq_scheme.pdb_seq_num 
_pdbx_poly_seq_scheme.auth_seq_num 
_pdbx_poly_seq_scheme.pdb_mon_id 
_pdbx_poly_seq_scheme.auth_mon_id 
_pdbx_poly_seq_scheme.pdb_strand_id 
_pdbx_poly_seq_scheme.pdb_ins_code 
_pdbx_poly_seq_scheme.hetero 
A 1 1  DC  1  1  1  DC  C  A . n 
A 1 2  DG  2  2  2  DG  G  A . n 
A 1 3  DC  3  3  3  DC  C  A . n 
A 1 4  G36 4  4  4  G36 +G A . n 
A 1 5  DA  5  5  5  DA  A  A . n 
A 1 6  DA  6  6  6  DA  A  A . n 
A 1 7  DT  7  7  7  DT  T  A . n 
A 1 8  DT  8  8  8  DT  T  A . n 
A 1 9  DC  9  9  9  DC  C  A . n 
A 1 10 DG  10 10 10 DG  G  A . n 
A 1 11 DC  11 11 11 DC  C  A . n 
A 1 12 DG  12 12 12 DG  G  A . n 
B 1 1  DC  1  13 13 DC  C  B . n 
B 1 2  DG  2  14 14 DG  G  B . n 
B 1 3  DC  3  15 15 DC  C  B . n 
B 1 4  G36 4  16 16 G36 +G B . n 
B 1 5  DA  5  17 17 DA  A  B . n 
B 1 6  DA  6  18 18 DA  A  B . n 
B 1 7  DT  7  19 19 DT  T  B . n 
B 1 8  DT  8  20 20 DT  T  B . n 
B 1 9  DC  9  21 21 DC  C  B . n 
B 1 10 DG  10 22 22 DG  G  B . n 
B 1 11 DC  11 23 23 DC  C  B . n 
B 1 12 DG  12 24 24 DG  G  B . n 
# 
loop_
_pdbx_nonpoly_scheme.asym_id 
_pdbx_nonpoly_scheme.entity_id 
_pdbx_nonpoly_scheme.mon_id 
_pdbx_nonpoly_scheme.ndb_seq_num 
_pdbx_nonpoly_scheme.pdb_seq_num 
_pdbx_nonpoly_scheme.auth_seq_num 
_pdbx_nonpoly_scheme.pdb_mon_id 
_pdbx_nonpoly_scheme.auth_mon_id 
_pdbx_nonpoly_scheme.pdb_strand_id 
_pdbx_nonpoly_scheme.pdb_ins_code 
C 2 HT1 1  25 25 HT1 HT1 B . 
D 3 HOH 1  27 27 HOH HOH A . 
D 3 HOH 2  28 28 HOH HOH A . 
D 3 HOH 3  29 29 HOH HOH A . 
D 3 HOH 4  34 34 HOH HOH A . 
D 3 HOH 5  36 36 HOH HOH A . 
D 3 HOH 6  37 37 HOH HOH A . 
D 3 HOH 7  38 38 HOH HOH A . 
D 3 HOH 8  41 41 HOH HOH A . 
D 3 HOH 9  42 42 HOH HOH A . 
D 3 HOH 10 47 47 HOH HOH A . 
D 3 HOH 11 48 48 HOH HOH A . 
D 3 HOH 12 49 49 HOH HOH A . 
D 3 HOH 13 50 50 HOH HOH A . 
D 3 HOH 14 54 54 HOH HOH A . 
D 3 HOH 15 56 56 HOH HOH A . 
D 3 HOH 16 57 57 HOH HOH A . 
D 3 HOH 17 58 58 HOH HOH A . 
D 3 HOH 18 61 61 HOH HOH A . 
D 3 HOH 19 62 62 HOH HOH A . 
D 3 HOH 20 68 68 HOH HOH A . 
D 3 HOH 21 73 73 HOH HOH A . 
D 3 HOH 22 74 74 HOH HOH A . 
D 3 HOH 23 77 77 HOH HOH A . 
D 3 HOH 24 82 82 HOH HOH A . 
D 3 HOH 25 84 84 HOH HOH A . 
D 3 HOH 26 87 87 HOH HOH A . 
D 3 HOH 27 88 88 HOH HOH A . 
D 3 HOH 28 89 89 HOH HOH A . 
D 3 HOH 29 91 91 HOH HOH A . 
D 3 HOH 30 93 93 HOH HOH A . 
E 3 HOH 1  26 26 HOH HOH B . 
E 3 HOH 2  30 30 HOH HOH B . 
E 3 HOH 3  31 31 HOH HOH B . 
E 3 HOH 4  32 32 HOH HOH B . 
E 3 HOH 5  33 33 HOH HOH B . 
E 3 HOH 6  35 35 HOH HOH B . 
E 3 HOH 7  39 39 HOH HOH B . 
E 3 HOH 8  40 40 HOH HOH B . 
E 3 HOH 9  43 43 HOH HOH B . 
E 3 HOH 10 44 44 HOH HOH B . 
E 3 HOH 11 45 45 HOH HOH B . 
E 3 HOH 12 46 46 HOH HOH B . 
E 3 HOH 13 51 51 HOH HOH B . 
E 3 HOH 14 52 52 HOH HOH B . 
E 3 HOH 15 53 53 HOH HOH B . 
E 3 HOH 16 55 55 HOH HOH B . 
E 3 HOH 17 59 59 HOH HOH B . 
E 3 HOH 18 60 60 HOH HOH B . 
E 3 HOH 19 63 63 HOH HOH B . 
E 3 HOH 20 64 64 HOH HOH B . 
E 3 HOH 21 65 65 HOH HOH B . 
E 3 HOH 22 66 66 HOH HOH B . 
E 3 HOH 23 67 67 HOH HOH B . 
E 3 HOH 24 69 69 HOH HOH B . 
E 3 HOH 25 70 70 HOH HOH B . 
E 3 HOH 26 71 71 HOH HOH B . 
E 3 HOH 27 72 72 HOH HOH B . 
E 3 HOH 28 75 75 HOH HOH B . 
E 3 HOH 29 76 76 HOH HOH B . 
E 3 HOH 30 78 78 HOH HOH B . 
E 3 HOH 31 79 79 HOH HOH B . 
E 3 HOH 32 80 80 HOH HOH B . 
E 3 HOH 33 81 81 HOH HOH B . 
E 3 HOH 34 83 83 HOH HOH B . 
E 3 HOH 35 85 85 HOH HOH B . 
E 3 HOH 36 86 86 HOH HOH B . 
E 3 HOH 37 90 90 HOH HOH B . 
E 3 HOH 38 92 92 HOH HOH B . 
# 
_software.name             NUCLSQ 
_software.classification   refinement 
_software.version          . 
_software.citation_id      ? 
_software.pdbx_ordinal     1 
# 
_cell.entry_id           130D 
_cell.length_a           25.710 
_cell.length_b           41.320 
_cell.length_c           67.080 
_cell.angle_alpha        90.00 
_cell.angle_beta         90.00 
_cell.angle_gamma        90.00 
_cell.Z_PDB              8 
_cell.pdbx_unique_axis   ? 
_cell.length_a_esd       ? 
_cell.length_b_esd       ? 
_cell.length_c_esd       ? 
_cell.angle_alpha_esd    ? 
_cell.angle_beta_esd     ? 
_cell.angle_gamma_esd    ? 
# 
_symmetry.entry_id                         130D 
_symmetry.space_group_name_H-M             'P 21 21 21' 
_symmetry.pdbx_full_space_group_name_H-M   ? 
_symmetry.cell_setting                     ? 
_symmetry.Int_Tables_number                19 
_symmetry.space_group_name_Hall            ? 
# 
_exptl.entry_id          130D 
_exptl.method            'X-RAY DIFFRACTION' 
_exptl.crystals_number   ? 
# 
_exptl_crystal.id                    1 
_exptl_crystal.density_meas          ? 
_exptl_crystal.density_percent_sol   49.03 
_exptl_crystal.density_Matthews      2.41 
_exptl_crystal.description           ? 
_exptl_crystal.F_000                 ? 
_exptl_crystal.preparation           ? 
# 
_exptl_crystal_grow.crystal_id      1 
_exptl_crystal_grow.method          'VAPOR DIFFUSION' 
_exptl_crystal_grow.temp            ? 
_exptl_crystal_grow.temp_details    'ROOM TEMPERATURE' 
_exptl_crystal_grow.pH              6.00 
_exptl_crystal_grow.pdbx_details    'pH 6.00, VAPOR DIFFUSION' 
_exptl_crystal_grow.pdbx_pH_range   ? 
# 
loop_
_exptl_crystal_grow_comp.crystal_id 
_exptl_crystal_grow_comp.id 
_exptl_crystal_grow_comp.sol_id 
_exptl_crystal_grow_comp.name 
_exptl_crystal_grow_comp.volume 
_exptl_crystal_grow_comp.conc 
_exptl_crystal_grow_comp.details 
1 1 1 WATER           ? ? ? 
1 2 1 MPD             ? ? ? 
1 3 1 'NA CACODYLATE' ? ? ? 
1 4 1 MGCL2           ? ? ? 
1 5 1 SPERMINE        ? ? ? 
1 6 2 WATER           ? ? ? 
1 7 2 MPD             ? ? ? 
# 
_diffrn.id                     1 
_diffrn.ambient_temp           ? 
_diffrn.ambient_temp_details   'ROOM TEMPERATURE' 
_diffrn.crystal_id             1 
# 
_diffrn_detector.diffrn_id              1 
_diffrn_detector.detector               DIFFRACTOMETER 
_diffrn_detector.type                   'RIGAKU AFC-5R' 
_diffrn_detector.pdbx_collection_date   ? 
_diffrn_detector.details                ? 
# 
_diffrn_radiation.diffrn_id                        1 
_diffrn_radiation.wavelength_id                    1 
_diffrn_radiation.pdbx_monochromatic_or_laue_m_l   ? 
_diffrn_radiation.monochromator                    ? 
_diffrn_radiation.pdbx_diffrn_protocol             ? 
_diffrn_radiation.pdbx_scattering_type             x-ray 
# 
_diffrn_radiation_wavelength.id           1 
_diffrn_radiation_wavelength.wavelength   . 
_diffrn_radiation_wavelength.wt           1.0 
# 
_diffrn_source.diffrn_id                   1 
_diffrn_source.source                      'ROTATING ANODE' 
_diffrn_source.type                        ? 
_diffrn_source.pdbx_synchrotron_site       ? 
_diffrn_source.pdbx_synchrotron_beamline   ? 
_diffrn_source.pdbx_wavelength             ? 
_diffrn_source.pdbx_wavelength_list        ? 
# 
_reflns.entry_id                     130D 
_reflns.observed_criterion_sigma_I   ? 
_reflns.observed_criterion_sigma_F   2.000 
_reflns.d_resolution_low             ? 
_reflns.d_resolution_high            2.500 
_reflns.number_obs                   1194 
_reflns.number_all                   ? 
_reflns.percent_possible_obs         ? 
_reflns.pdbx_Rmerge_I_obs            ? 
_reflns.pdbx_Rsym_value              ? 
_reflns.pdbx_netI_over_sigmaI        ? 
_reflns.B_iso_Wilson_estimate        ? 
_reflns.pdbx_redundancy              ? 
_reflns.pdbx_ordinal                 1 
_reflns.pdbx_diffrn_id               1 
_reflns.R_free_details               ? 
_reflns.pdbx_chi_squared             ? 
_reflns.pdbx_scaling_rejects         ? 
# 
_refine.entry_id                                 130D 
_refine.ls_number_reflns_obs                     1194 
_refine.ls_number_reflns_all                     ? 
_refine.pdbx_ls_sigma_I                          ? 
_refine.pdbx_ls_sigma_F                          2.000 
_refine.pdbx_data_cutoff_high_absF               ? 
_refine.pdbx_data_cutoff_low_absF                ? 
_refine.pdbx_data_cutoff_high_rms_absF           ? 
_refine.ls_d_res_low                             ? 
_refine.ls_d_res_high                            2.500 
_refine.ls_percent_reflns_obs                    ? 
_refine.ls_R_factor_obs                          0.157 
_refine.ls_R_factor_all                          ? 
_refine.ls_R_factor_R_work                       ? 
_refine.ls_R_factor_R_free                       ? 
_refine.ls_R_factor_R_free_error                 ? 
_refine.ls_R_factor_R_free_error_details         ? 
_refine.ls_percent_reflns_R_free                 ? 
_refine.ls_number_reflns_R_free                  ? 
_refine.ls_number_parameters                     ? 
_refine.ls_number_restraints                     ? 
_refine.occupancy_min                            ? 
_refine.occupancy_max                            ? 
_refine.B_iso_mean                               ? 
_refine.aniso_B[1][1]                            ? 
_refine.aniso_B[2][2]                            ? 
_refine.aniso_B[3][3]                            ? 
_refine.aniso_B[1][2]                            ? 
_refine.aniso_B[1][3]                            ? 
_refine.aniso_B[2][3]                            ? 
_refine.solvent_model_details                    ? 
_refine.solvent_model_param_ksol                 ? 
_refine.solvent_model_param_bsol                 ? 
_refine.pdbx_ls_cross_valid_method               ? 
_refine.details                                  ? 
_refine.pdbx_starting_model                      ? 
_refine.pdbx_method_to_determine_struct          ? 
_refine.pdbx_isotropic_thermal_model             ? 
_refine.pdbx_stereochemistry_target_values       ? 
_refine.pdbx_stereochem_target_val_spec_case     ? 
_refine.pdbx_R_Free_selection_details            ? 
_refine.pdbx_overall_ESU_R_Free                  ? 
_refine.overall_SU_ML                            ? 
_refine.overall_SU_B                             ? 
_refine.pdbx_refine_id                           'X-RAY DIFFRACTION' 
_refine.pdbx_diffrn_id                           1 
_refine.ls_redundancy_reflns_obs                 ? 
_refine.pdbx_overall_phase_error                 ? 
_refine.correlation_coeff_Fo_to_Fc               ? 
_refine.correlation_coeff_Fo_to_Fc_free          ? 
_refine.pdbx_solvent_vdw_probe_radii             ? 
_refine.pdbx_solvent_ion_probe_radii             ? 
_refine.pdbx_solvent_shrinkage_radii             ? 
_refine.overall_SU_R_Cruickshank_DPI             ? 
_refine.overall_SU_R_free                        ? 
_refine.ls_wR_factor_R_free                      ? 
_refine.ls_wR_factor_R_work                      ? 
_refine.overall_FOM_free_R_set                   ? 
_refine.overall_FOM_work_R_set                   ? 
_refine.pdbx_overall_ESU_R                       ? 
_refine.pdbx_TLS_residual_ADP_flag               ? 
_refine.pdbx_overall_SU_R_free_Cruickshank_DPI   ? 
_refine.pdbx_overall_SU_R_Blow_DPI               ? 
_refine.pdbx_overall_SU_R_free_Blow_DPI          ? 
# 
_refine_hist.pdbx_refine_id                   'X-RAY DIFFRACTION' 
_refine_hist.cycle_id                         LAST 
_refine_hist.pdbx_number_atoms_protein        0 
_refine_hist.pdbx_number_atoms_nucleic_acid   490 
_refine_hist.pdbx_number_atoms_ligand         34 
_refine_hist.number_atoms_solvent             68 
_refine_hist.number_atoms_total               592 
_refine_hist.d_res_high                       2.500 
_refine_hist.d_res_low                        . 
# 
loop_
_refine_ls_restr.type 
_refine_ls_restr.dev_ideal 
_refine_ls_restr.dev_ideal_target 
_refine_ls_restr.weight 
_refine_ls_restr.number 
_refine_ls_restr.pdbx_refine_id 
_refine_ls_restr.pdbx_restraint_function 
n_bond_d               0.020 ? ? ? 'X-RAY DIFFRACTION' ? 
n_angle_d              ?     ? ? ? 'X-RAY DIFFRACTION' ? 
n_planar_d             ?     ? ? ? 'X-RAY DIFFRACTION' ? 
n_hb_or_metal_coord    ?     ? ? ? 'X-RAY DIFFRACTION' ? 
n_sugar_bond_it        ?     ? ? ? 'X-RAY DIFFRACTION' ? 
n_sugar_angle_it       ?     ? ? ? 'X-RAY DIFFRACTION' ? 
n_phos_bond_it         ?     ? ? ? 'X-RAY DIFFRACTION' ? 
n_phos_angle_it        ?     ? ? ? 'X-RAY DIFFRACTION' ? 
n_bond_angle_restr     ?     ? ? ? 'X-RAY DIFFRACTION' ? 
n_dihedral_angle_restr ?     ? ? ? 'X-RAY DIFFRACTION' ? 
n_impr_tor             ?     ? ? ? 'X-RAY DIFFRACTION' ? 
n_sugar_bond_d         ?     ? ? ? 'X-RAY DIFFRACTION' ? 
n_sugar_bond_angle_d   ?     ? ? ? 'X-RAY DIFFRACTION' ? 
n_phos_bond_d          ?     ? ? ? 'X-RAY DIFFRACTION' ? 
n_phos_bond_angle_d    ?     ? ? ? 'X-RAY DIFFRACTION' ? 
n_plane_restr          ?     ? ? ? 'X-RAY DIFFRACTION' ? 
n_chiral_restr         ?     ? ? ? 'X-RAY DIFFRACTION' ? 
n_singtor_nbd          ?     ? ? ? 'X-RAY DIFFRACTION' ? 
n_multtor_nbd          ?     ? ? ? 'X-RAY DIFFRACTION' ? 
n_xhyhbond_nbd         ?     ? ? ? 'X-RAY DIFFRACTION' ? 
# 
_struct.entry_id                  130D 
_struct.title                     'MOLECULAR STRUCTURE OF D(CGC[E6G]AATTCGCG) COMPLEXED WITH HOECHST 33342' 
_struct.pdbx_model_details        ? 
_struct.pdbx_CASP_flag            ? 
_struct.pdbx_model_type_details   ? 
# 
_struct_keywords.entry_id        130D 
_struct_keywords.pdbx_keywords   DNA 
_struct_keywords.text            'B-DNA, DOUBLE HELIX, COMPLEXED WITH DRUG, MODIFIED, DNA' 
# 
loop_
_struct_asym.id 
_struct_asym.pdbx_blank_PDB_chainid_flag 
_struct_asym.pdbx_modified 
_struct_asym.entity_id 
_struct_asym.details 
A N N 1 ? 
B N N 1 ? 
C N N 2 ? 
D N N 3 ? 
E N N 3 ? 
# 
_struct_ref.id                         1 
_struct_ref.entity_id                  1 
_struct_ref.db_name                    PDB 
_struct_ref.db_code                    130D 
_struct_ref.pdbx_db_accession          130D 
_struct_ref.pdbx_align_begin           ? 
_struct_ref.pdbx_seq_one_letter_code   ? 
_struct_ref.pdbx_db_isoform            ? 
# 
loop_
_struct_ref_seq.align_id 
_struct_ref_seq.ref_id 
_struct_ref_seq.pdbx_PDB_id_code 
_struct_ref_seq.pdbx_strand_id 
_struct_ref_seq.seq_align_beg 
_struct_ref_seq.pdbx_seq_align_beg_ins_code 
_struct_ref_seq.seq_align_end 
_struct_ref_seq.pdbx_seq_align_end_ins_code 
_struct_ref_seq.pdbx_db_accession 
_struct_ref_seq.db_align_beg 
_struct_ref_seq.pdbx_db_align_beg_ins_code 
_struct_ref_seq.db_align_end 
_struct_ref_seq.pdbx_db_align_end_ins_code 
_struct_ref_seq.pdbx_auth_seq_align_beg 
_struct_ref_seq.pdbx_auth_seq_align_end 
1 1 130D A 1 ? 12 ? 130D 1  ? 12 ? 1  12 
2 1 130D B 1 ? 12 ? 130D 13 ? 24 ? 13 24 
# 
_pdbx_struct_assembly.id                   1 
_pdbx_struct_assembly.details              author_defined_assembly 
_pdbx_struct_assembly.method_details       ? 
_pdbx_struct_assembly.oligomeric_details   dimeric 
_pdbx_struct_assembly.oligomeric_count     2 
# 
_pdbx_struct_assembly_gen.assembly_id       1 
_pdbx_struct_assembly_gen.oper_expression   1 
_pdbx_struct_assembly_gen.asym_id_list      A,B,C,D,E 
# 
_pdbx_struct_oper_list.id                   1 
_pdbx_struct_oper_list.type                 'identity operation' 
_pdbx_struct_oper_list.name                 1_555 
_pdbx_struct_oper_list.symmetry_operation   x,y,z 
_pdbx_struct_oper_list.matrix[1][1]         1.0000000000 
_pdbx_struct_oper_list.matrix[1][2]         0.0000000000 
_pdbx_struct_oper_list.matrix[1][3]         0.0000000000 
_pdbx_struct_oper_list.vector[1]            0.0000000000 
_pdbx_struct_oper_list.matrix[2][1]         0.0000000000 
_pdbx_struct_oper_list.matrix[2][2]         1.0000000000 
_pdbx_struct_oper_list.matrix[2][3]         0.0000000000 
_pdbx_struct_oper_list.vector[2]            0.0000000000 
_pdbx_struct_oper_list.matrix[3][1]         0.0000000000 
_pdbx_struct_oper_list.matrix[3][2]         0.0000000000 
_pdbx_struct_oper_list.matrix[3][3]         1.0000000000 
_pdbx_struct_oper_list.vector[3]            0.0000000000 
# 
_struct_biol.id        1 
_struct_biol.details   ? 
# 
loop_
_struct_conn.id 
_struct_conn.conn_type_id 
_struct_conn.pdbx_leaving_atom_flag 
_struct_conn.pdbx_PDB_id 
_struct_conn.ptnr1_label_asym_id 
_struct_conn.ptnr1_label_comp_id 
_struct_conn.ptnr1_label_seq_id 
_struct_conn.ptnr1_label_atom_id 
_struct_conn.pdbx_ptnr1_label_alt_id 
_struct_conn.pdbx_ptnr1_PDB_ins_code 
_struct_conn.pdbx_ptnr1_standard_comp_id 
_struct_conn.ptnr1_symmetry 
_struct_conn.ptnr2_label_asym_id 
_struct_conn.ptnr2_label_comp_id 
_struct_conn.ptnr2_label_seq_id 
_struct_conn.ptnr2_label_atom_id 
_struct_conn.pdbx_ptnr2_label_alt_id 
_struct_conn.pdbx_ptnr2_PDB_ins_code 
_struct_conn.ptnr1_auth_asym_id 
_struct_conn.ptnr1_auth_comp_id 
_struct_conn.ptnr1_auth_seq_id 
_struct_conn.ptnr2_auth_asym_id 
_struct_conn.ptnr2_auth_comp_id 
_struct_conn.ptnr2_auth_seq_id 
_struct_conn.ptnr2_symmetry 
_struct_conn.pdbx_ptnr3_label_atom_id 
_struct_conn.pdbx_ptnr3_label_seq_id 
_struct_conn.pdbx_ptnr3_label_comp_id 
_struct_conn.pdbx_ptnr3_label_asym_id 
_struct_conn.pdbx_ptnr3_label_alt_id 
_struct_conn.pdbx_ptnr3_PDB_ins_code 
_struct_conn.details 
_struct_conn.pdbx_dist_value 
_struct_conn.pdbx_value_order 
_struct_conn.pdbx_role 
covale1  covale both ? A DC  3  "O3'" ? ? ? 1_555 A G36 4  P  ? ? A DC  3  A G36 4  1_555 ? ? ? ? ? ? ?             1.567 ? ? 
covale2  covale one  ? A G36 4  "O3'" ? ? ? 1_555 A DA  5  P  ? ? A G36 4  A DA  5  1_555 ? ? ? ? ? ? ?             1.635 ? ? 
covale3  covale both ? B DC  3  "O3'" ? ? ? 1_555 B G36 4  P  ? ? B DC  15 B G36 16 1_555 ? ? ? ? ? ? ?             1.624 ? ? 
covale4  covale one  ? B G36 4  "O3'" ? ? ? 1_555 B DA  5  P  ? ? B G36 16 B DA  17 1_555 ? ? ? ? ? ? ?             1.677 ? ? 
hydrog1  hydrog ?    ? A DC  1  N3    ? ? ? 1_555 B DG  12 N1 ? ? A DC  1  B DG  24 1_555 ? ? ? ? ? ? WATSON-CRICK  ?     ? ? 
hydrog2  hydrog ?    ? A DC  1  N4    ? ? ? 1_555 B DG  12 O6 ? ? A DC  1  B DG  24 1_555 ? ? ? ? ? ? WATSON-CRICK  ?     ? ? 
hydrog3  hydrog ?    ? A DC  1  O2    ? ? ? 1_555 B DG  12 N2 ? ? A DC  1  B DG  24 1_555 ? ? ? ? ? ? WATSON-CRICK  ?     ? ? 
hydrog4  hydrog ?    ? A DG  2  N1    ? ? ? 1_555 B DC  11 N3 ? ? A DG  2  B DC  23 1_555 ? ? ? ? ? ? WATSON-CRICK  ?     ? ? 
hydrog5  hydrog ?    ? A DG  2  N2    ? ? ? 1_555 B DC  11 O2 ? ? A DG  2  B DC  23 1_555 ? ? ? ? ? ? WATSON-CRICK  ?     ? ? 
hydrog6  hydrog ?    ? A DG  2  O6    ? ? ? 1_555 B DC  11 N4 ? ? A DG  2  B DC  23 1_555 ? ? ? ? ? ? WATSON-CRICK  ?     ? ? 
hydrog7  hydrog ?    ? A DC  3  N3    ? ? ? 1_555 B DG  10 N1 ? ? A DC  3  B DG  22 1_555 ? ? ? ? ? ? WATSON-CRICK  ?     ? ? 
hydrog8  hydrog ?    ? A DC  3  N4    ? ? ? 1_555 B DG  10 O6 ? ? A DC  3  B DG  22 1_555 ? ? ? ? ? ? WATSON-CRICK  ?     ? ? 
hydrog9  hydrog ?    ? A DC  3  O2    ? ? ? 1_555 B DG  10 N2 ? ? A DC  3  B DG  22 1_555 ? ? ? ? ? ? WATSON-CRICK  ?     ? ? 
hydrog10 hydrog ?    ? A G36 4  N1    ? ? ? 1_555 B DC  9  N3 ? ? A G36 4  B DC  21 1_555 ? ? ? ? ? ? WATSON-CRICK  ?     ? ? 
hydrog11 hydrog ?    ? A G36 4  N2    ? ? ? 1_555 B DC  9  O2 ? ? A G36 4  B DC  21 1_555 ? ? ? ? ? ? WATSON-CRICK  ?     ? ? 
hydrog12 hydrog ?    ? A G36 4  O6    ? ? ? 1_555 B DC  9  N4 ? ? A G36 4  B DC  21 1_555 ? ? ? ? ? ? WATSON-CRICK  ?     ? ? 
hydrog13 hydrog ?    ? A DA  5  N6    ? ? ? 1_555 B DT  7  O4 ? ? A DA  5  B DT  19 1_555 ? ? ? ? ? ? 'DA-DT PAIR'  ?     ? ? 
hydrog14 hydrog ?    ? A DA  5  N1    ? ? ? 1_555 B DT  8  N3 ? ? A DA  5  B DT  20 1_555 ? ? ? ? ? ? WATSON-CRICK  ?     ? ? 
hydrog15 hydrog ?    ? A DA  5  N6    ? ? ? 1_555 B DT  8  O4 ? ? A DA  5  B DT  20 1_555 ? ? ? ? ? ? WATSON-CRICK  ?     ? ? 
hydrog16 hydrog ?    ? A DA  6  N1    ? ? ? 1_555 B DT  7  N3 ? ? A DA  6  B DT  19 1_555 ? ? ? ? ? ? WATSON-CRICK  ?     ? ? 
hydrog17 hydrog ?    ? A DA  6  N6    ? ? ? 1_555 B DT  7  O4 ? ? A DA  6  B DT  19 1_555 ? ? ? ? ? ? WATSON-CRICK  ?     ? ? 
hydrog18 hydrog ?    ? A DT  7  N3    ? ? ? 1_555 B DA  6  N1 ? ? A DT  7  B DA  18 1_555 ? ? ? ? ? ? WATSON-CRICK  ?     ? ? 
hydrog19 hydrog ?    ? A DT  7  O4    ? ? ? 1_555 B DA  6  N6 ? ? A DT  7  B DA  18 1_555 ? ? ? ? ? ? WATSON-CRICK  ?     ? ? 
hydrog20 hydrog ?    ? A DT  8  N3    ? ? ? 1_555 B DA  5  N1 ? ? A DT  8  B DA  17 1_555 ? ? ? ? ? ? WATSON-CRICK  ?     ? ? 
hydrog21 hydrog ?    ? A DT  8  O4    ? ? ? 1_555 B DA  5  N6 ? ? A DT  8  B DA  17 1_555 ? ? ? ? ? ? WATSON-CRICK  ?     ? ? 
hydrog22 hydrog ?    ? A DC  9  N3    ? ? ? 1_555 B G36 4  N1 ? ? A DC  9  B G36 16 1_555 ? ? ? ? ? ? 'DC-G36 PAIR' ?     ? ? 
hydrog23 hydrog ?    ? A DG  10 N1    ? ? ? 1_555 B DC  3  N3 ? ? A DG  10 B DC  15 1_555 ? ? ? ? ? ? WATSON-CRICK  ?     ? ? 
hydrog24 hydrog ?    ? A DG  10 N2    ? ? ? 1_555 B DC  3  O2 ? ? A DG  10 B DC  15 1_555 ? ? ? ? ? ? WATSON-CRICK  ?     ? ? 
hydrog25 hydrog ?    ? A DG  10 O6    ? ? ? 1_555 B DC  3  N4 ? ? A DG  10 B DC  15 1_555 ? ? ? ? ? ? WATSON-CRICK  ?     ? ? 
hydrog26 hydrog ?    ? A DC  11 N3    ? ? ? 1_555 B DG  2  N1 ? ? A DC  11 B DG  14 1_555 ? ? ? ? ? ? WATSON-CRICK  ?     ? ? 
hydrog27 hydrog ?    ? A DC  11 N4    ? ? ? 1_555 B DG  2  O6 ? ? A DC  11 B DG  14 1_555 ? ? ? ? ? ? WATSON-CRICK  ?     ? ? 
hydrog28 hydrog ?    ? A DC  11 O2    ? ? ? 1_555 B DG  2  N2 ? ? A DC  11 B DG  14 1_555 ? ? ? ? ? ? WATSON-CRICK  ?     ? ? 
hydrog29 hydrog ?    ? A DG  12 N1    ? ? ? 1_555 B DC  1  N3 ? ? A DG  12 B DC  13 1_555 ? ? ? ? ? ? WATSON-CRICK  ?     ? ? 
hydrog30 hydrog ?    ? A DG  12 N2    ? ? ? 1_555 B DC  1  O2 ? ? A DG  12 B DC  13 1_555 ? ? ? ? ? ? WATSON-CRICK  ?     ? ? 
hydrog31 hydrog ?    ? A DG  12 O6    ? ? ? 1_555 B DC  1  N4 ? ? A DG  12 B DC  13 1_555 ? ? ? ? ? ? WATSON-CRICK  ?     ? ? 
# 
loop_
_struct_conn_type.id 
_struct_conn_type.criteria 
_struct_conn_type.reference 
covale ? ? 
hydrog ? ? 
# 
loop_
_struct_site.id 
_struct_site.pdbx_evidence_code 
_struct_site.pdbx_auth_asym_id 
_struct_site.pdbx_auth_comp_id 
_struct_site.pdbx_auth_seq_id 
_struct_site.pdbx_auth_ins_code 
_struct_site.pdbx_num_residues 
_struct_site.details 
AC1 Software B HT1 25 ? 10 'BINDING SITE FOR RESIDUE HT1 B 25' 
1   ?        ? ?   ?  ? ?  ?                                   
# 
loop_
_struct_site_gen.id 
_struct_site_gen.site_id 
_struct_site_gen.pdbx_num_res 
_struct_site_gen.label_comp_id 
_struct_site_gen.label_asym_id 
_struct_site_gen.label_seq_id 
_struct_site_gen.pdbx_auth_ins_code 
_struct_site_gen.auth_comp_id 
_struct_site_gen.auth_asym_id 
_struct_site_gen.auth_seq_id 
_struct_site_gen.label_atom_id 
_struct_site_gen.label_alt_id 
_struct_site_gen.symmetry 
_struct_site_gen.details 
1  AC1 10 DA A 5  ? DA A 5  . ? 1_555 ? 
2  AC1 10 DA A 6  ? DA A 6  . ? 1_555 ? 
3  AC1 10 DT A 7  ? DT A 7  . ? 1_555 ? 
4  AC1 10 DT A 8  ? DT A 8  . ? 1_555 ? 
5  AC1 10 DC A 9  ? DC A 9  . ? 1_555 ? 
6  AC1 10 DA B 6  ? DA B 18 . ? 1_555 ? 
7  AC1 10 DT B 7  ? DT B 19 . ? 1_555 ? 
8  AC1 10 DT B 8  ? DT B 20 . ? 1_555 ? 
9  AC1 10 DC B 9  ? DC B 21 . ? 1_555 ? 
10 AC1 10 DG B 10 ? DG B 22 . ? 1_555 ? 
# 
loop_
_pdbx_validate_close_contact.id 
_pdbx_validate_close_contact.PDB_model_num 
_pdbx_validate_close_contact.auth_atom_id_1 
_pdbx_validate_close_contact.auth_asym_id_1 
_pdbx_validate_close_contact.auth_comp_id_1 
_pdbx_validate_close_contact.auth_seq_id_1 
_pdbx_validate_close_contact.PDB_ins_code_1 
_pdbx_validate_close_contact.label_alt_id_1 
_pdbx_validate_close_contact.auth_atom_id_2 
_pdbx_validate_close_contact.auth_asym_id_2 
_pdbx_validate_close_contact.auth_comp_id_2 
_pdbx_validate_close_contact.auth_seq_id_2 
_pdbx_validate_close_contact.PDB_ins_code_2 
_pdbx_validate_close_contact.label_alt_id_2 
_pdbx_validate_close_contact.dist 
1 1 OP2 B DG 14 ? ? O B HOH 59 ? ? 1.94 
2 1 OP2 A DC 9  ? ? O A HOH 73 ? ? 2.16 
# 
_pdbx_validate_symm_contact.id                1 
_pdbx_validate_symm_contact.PDB_model_num     1 
_pdbx_validate_symm_contact.auth_atom_id_1    "O5'" 
_pdbx_validate_symm_contact.auth_asym_id_1    A 
_pdbx_validate_symm_contact.auth_comp_id_1    DC 
_pdbx_validate_symm_contact.auth_seq_id_1     1 
_pdbx_validate_symm_contact.PDB_ins_code_1    ? 
_pdbx_validate_symm_contact.label_alt_id_1    ? 
_pdbx_validate_symm_contact.site_symmetry_1   1_555 
_pdbx_validate_symm_contact.auth_atom_id_2    O 
_pdbx_validate_symm_contact.auth_asym_id_2    B 
_pdbx_validate_symm_contact.auth_comp_id_2    HOH 
_pdbx_validate_symm_contact.auth_seq_id_2     65 
_pdbx_validate_symm_contact.PDB_ins_code_2    ? 
_pdbx_validate_symm_contact.label_alt_id_2    ? 
_pdbx_validate_symm_contact.site_symmetry_2   2_665 
_pdbx_validate_symm_contact.dist              1.90 
# 
loop_
_pdbx_validate_rmsd_bond.id 
_pdbx_validate_rmsd_bond.PDB_model_num 
_pdbx_validate_rmsd_bond.auth_atom_id_1 
_pdbx_validate_rmsd_bond.auth_asym_id_1 
_pdbx_validate_rmsd_bond.auth_comp_id_1 
_pdbx_validate_rmsd_bond.auth_seq_id_1 
_pdbx_validate_rmsd_bond.PDB_ins_code_1 
_pdbx_validate_rmsd_bond.label_alt_id_1 
_pdbx_validate_rmsd_bond.auth_atom_id_2 
_pdbx_validate_rmsd_bond.auth_asym_id_2 
_pdbx_validate_rmsd_bond.auth_comp_id_2 
_pdbx_validate_rmsd_bond.auth_seq_id_2 
_pdbx_validate_rmsd_bond.PDB_ins_code_2 
_pdbx_validate_rmsd_bond.label_alt_id_2 
_pdbx_validate_rmsd_bond.bond_value 
_pdbx_validate_rmsd_bond.bond_target_value 
_pdbx_validate_rmsd_bond.bond_deviation 
_pdbx_validate_rmsd_bond.bond_standard_deviation 
_pdbx_validate_rmsd_bond.linker_flag 
1 1 "O3'" A DT 7  ? ? "C3'" A DT 7  ? ? 1.364 1.419 -0.055 0.006 N 
2 1 "O3'" A DT 7  ? ? P     A DT 8  ? ? 1.502 1.607 -0.105 0.012 Y 
3 1 "O4'" A DC 9  ? ? "C1'" A DC 9  ? ? 1.503 1.420 0.083  0.011 N 
4 1 "C2'" B DC 15 ? ? "C1'" B DC 15 ? ? 1.458 1.518 -0.060 0.010 N 
5 1 "O4'" B DC 15 ? ? "C1'" B DC 15 ? ? 1.488 1.420 0.068  0.011 N 
6 1 "O3'" B DT 19 ? ? P     B DT 20 ? ? 1.526 1.607 -0.081 0.012 Y 
# 
loop_
_pdbx_validate_rmsd_angle.id 
_pdbx_validate_rmsd_angle.PDB_model_num 
_pdbx_validate_rmsd_angle.auth_atom_id_1 
_pdbx_validate_rmsd_angle.auth_asym_id_1 
_pdbx_validate_rmsd_angle.auth_comp_id_1 
_pdbx_validate_rmsd_angle.auth_seq_id_1 
_pdbx_validate_rmsd_angle.PDB_ins_code_1 
_pdbx_validate_rmsd_angle.label_alt_id_1 
_pdbx_validate_rmsd_angle.auth_atom_id_2 
_pdbx_validate_rmsd_angle.auth_asym_id_2 
_pdbx_validate_rmsd_angle.auth_comp_id_2 
_pdbx_validate_rmsd_angle.auth_seq_id_2 
_pdbx_validate_rmsd_angle.PDB_ins_code_2 
_pdbx_validate_rmsd_angle.label_alt_id_2 
_pdbx_validate_rmsd_angle.auth_atom_id_3 
_pdbx_validate_rmsd_angle.auth_asym_id_3 
_pdbx_validate_rmsd_angle.auth_comp_id_3 
_pdbx_validate_rmsd_angle.auth_seq_id_3 
_pdbx_validate_rmsd_angle.PDB_ins_code_3 
_pdbx_validate_rmsd_angle.label_alt_id_3 
_pdbx_validate_rmsd_angle.angle_value 
_pdbx_validate_rmsd_angle.angle_target_value 
_pdbx_validate_rmsd_angle.angle_deviation 
_pdbx_validate_rmsd_angle.angle_standard_deviation 
_pdbx_validate_rmsd_angle.linker_flag 
1  1 "O4'" A DC 1  ? ? "C4'" A DC 1  ? ? "C3'" A DC  1  ? ? 102.00 104.50 -2.50  0.40 N 
2  1 "O4'" A DG 2  ? ? "C1'" A DG 2  ? ? N9    A DG  2  ? ? 113.61 108.30 5.31   0.30 N 
3  1 "O5'" A DC 3  ? ? "C5'" A DC 3  ? ? "C4'" A DC  3  ? ? 104.18 109.40 -5.22  0.80 N 
4  1 "O4'" A DC 3  ? ? "C1'" A DC 3  ? ? N1    A DC  3  ? ? 112.22 108.30 3.92   0.30 N 
5  1 "C3'" A DC 3  ? ? "O3'" A DC 3  ? ? P     A G36 4  ? ? 130.69 119.70 10.99  1.20 Y 
6  1 OP1   A DA 5  ? ? P     A DA 5  ? ? OP2   A DA  5  ? ? 109.79 119.60 -9.81  1.50 N 
7  1 "O5'" A DA 5  ? ? P     A DA 5  ? ? OP2   A DA  5  ? ? 118.26 110.70 7.56   1.20 N 
8  1 "O4'" A DA 5  ? ? "C1'" A DA 5  ? ? N9    A DA  5  ? ? 110.72 108.30 2.42   0.30 N 
9  1 N1    A DA 5  ? ? C6    A DA 5  ? ? N6    A DA  5  ? ? 122.58 118.60 3.98   0.60 N 
10 1 OP1   A DA 6  ? ? P     A DA 6  ? ? OP2   A DA  6  ? ? 109.69 119.60 -9.91  1.50 N 
11 1 "O5'" A DA 6  ? ? P     A DA 6  ? ? OP2   A DA  6  ? ? 120.01 110.70 9.31   1.20 N 
12 1 "O4'" A DA 6  ? ? "C1'" A DA 6  ? ? N9    A DA  6  ? ? 111.92 108.30 3.62   0.30 N 
13 1 N1    A DA 6  ? ? C2    A DA 6  ? ? N3    A DA  6  ? ? 125.93 129.30 -3.37  0.50 N 
14 1 C5    A DA 6  ? ? C6    A DA 6  ? ? N1    A DA  6  ? ? 114.59 117.70 -3.11  0.50 N 
15 1 "C3'" A DA 6  ? ? "O3'" A DA 6  ? ? P     A DT  7  ? ? 134.73 119.70 15.03  1.20 Y 
16 1 OP1   A DT 7  ? ? P     A DT 7  ? ? OP2   A DT  7  ? ? 102.72 119.60 -16.88 1.50 N 
17 1 "O5'" A DT 7  ? ? P     A DT 7  ? ? OP2   A DT  7  ? ? 122.00 110.70 11.30  1.20 N 
18 1 "O4'" A DT 7  ? ? "C1'" A DT 7  ? ? N1    A DT  7  ? ? 112.56 108.30 4.26   0.30 N 
19 1 "C3'" A DT 7  ? ? "O3'" A DT 7  ? ? P     A DT  8  ? ? 148.88 119.70 29.18  1.20 Y 
20 1 OP1   A DT 8  ? ? P     A DT 8  ? ? OP2   A DT  8  ? ? 107.96 119.60 -11.64 1.50 N 
21 1 "O4'" A DT 8  ? ? "C1'" A DT 8  ? ? N1    A DT  8  ? ? 111.73 108.30 3.43   0.30 N 
22 1 N3    A DT 8  ? ? C4    A DT 8  ? ? O4    A DT  8  ? ? 113.97 119.90 -5.93  0.60 N 
23 1 "O5'" A DC 9  ? ? "C5'" A DC 9  ? ? "C4'" A DC  9  ? ? 101.18 109.40 -8.22  0.80 N 
24 1 "O4'" A DC 9  ? ? "C4'" A DC 9  ? ? "C3'" A DC  9  ? ? 99.19  104.50 -5.31  0.40 N 
25 1 "C1'" A DC 9  ? ? "O4'" A DC 9  ? ? "C4'" A DC  9  ? ? 96.20  110.10 -13.90 1.00 N 
26 1 "O4'" A DG 10 ? ? "C1'" A DG 10 ? ? N9    A DG  10 ? ? 116.05 108.30 7.75   0.30 N 
27 1 C6    A DG 10 ? ? N1    A DG 10 ? ? C2    A DG  10 ? ? 120.44 125.10 -4.66  0.60 N 
28 1 N1    A DG 10 ? ? C2    A DG 10 ? ? N3    A DG  10 ? ? 127.98 123.90 4.08   0.60 N 
29 1 C5    A DG 10 ? ? C6    A DG 10 ? ? N1    A DG  10 ? ? 114.85 111.50 3.35   0.50 N 
30 1 "C3'" A DG 10 ? ? "O3'" A DG 10 ? ? P     A DC  11 ? ? 130.74 119.70 11.04  1.20 Y 
31 1 OP1   A DC 11 ? ? P     A DC 11 ? ? OP2   A DC  11 ? ? 107.99 119.60 -11.61 1.50 N 
32 1 "O4'" A DC 11 ? ? "C1'" A DC 11 ? ? N1    A DC  11 ? ? 113.58 108.30 5.28   0.30 N 
33 1 N3    A DC 11 ? ? C4    A DC 11 ? ? C5    A DC  11 ? ? 119.30 121.90 -2.60  0.40 N 
34 1 "C3'" A DC 11 ? ? "O3'" A DC 11 ? ? P     A DG  12 ? ? 132.21 119.70 12.51  1.20 Y 
35 1 "O5'" A DG 12 ? ? "C5'" A DG 12 ? ? "C4'" A DG  12 ? ? 100.65 109.40 -8.75  0.80 N 
36 1 "O4'" A DG 12 ? ? "C1'" A DG 12 ? ? N9    A DG  12 ? ? 114.76 108.30 6.46   0.30 N 
37 1 C5    A DG 12 ? ? C6    A DG 12 ? ? N1    A DG  12 ? ? 115.51 111.50 4.01   0.50 N 
38 1 C5    A DG 12 ? ? C6    A DG 12 ? ? O6    A DG  12 ? ? 123.46 128.60 -5.14  0.60 N 
39 1 "O4'" B DC 13 ? ? "C1'" B DC 13 ? ? N1    B DC  13 ? ? 118.73 108.30 10.43  0.30 N 
40 1 OP1   B DG 14 ? ? P     B DG 14 ? ? OP2   B DG  14 ? ? 108.77 119.60 -10.83 1.50 N 
41 1 OP1   B DC 15 ? ? P     B DC 15 ? ? OP2   B DC  15 ? ? 109.69 119.60 -9.91  1.50 N 
42 1 "O5'" B DC 15 ? ? P     B DC 15 ? ? OP2   B DC  15 ? ? 125.14 110.70 14.44  1.20 N 
43 1 "C1'" B DC 15 ? ? "O4'" B DC 15 ? ? "C4'" B DC  15 ? ? 103.69 110.10 -6.41  1.00 N 
44 1 "O5'" B DA 17 ? ? P     B DA 17 ? ? OP2   B DA  17 ? ? 119.82 110.70 9.12   1.20 N 
45 1 "O4'" B DA 17 ? ? "C4'" B DA 17 ? ? "C3'" B DA  17 ? ? 101.43 104.50 -3.07  0.40 N 
46 1 "O4'" B DA 17 ? ? "C1'" B DA 17 ? ? N9    B DA  17 ? ? 115.14 108.30 6.84   0.30 N 
47 1 C6    B DA 17 ? ? N1    B DA 17 ? ? C2    B DA  17 ? ? 123.25 118.60 4.65   0.60 N 
48 1 C5    B DA 17 ? ? C6    B DA 17 ? ? N1    B DA  17 ? ? 113.83 117.70 -3.87  0.50 N 
49 1 OP1   B DA 18 ? ? P     B DA 18 ? ? OP2   B DA  18 ? ? 109.90 119.60 -9.70  1.50 N 
50 1 C6    B DA 18 ? ? N1    B DA 18 ? ? C2    B DA  18 ? ? 124.10 118.60 5.50   0.60 N 
51 1 N1    B DA 18 ? ? C2    B DA 18 ? ? N3    B DA  18 ? ? 124.14 129.30 -5.16  0.50 N 
52 1 C5    B DA 18 ? ? C6    B DA 18 ? ? N1    B DA  18 ? ? 113.99 117.70 -3.71  0.50 N 
53 1 "O5'" B DT 19 ? ? P     B DT 19 ? ? OP2   B DT  19 ? ? 121.97 110.70 11.27  1.20 N 
54 1 "O4'" B DT 19 ? ? "C1'" B DT 19 ? ? N1    B DT  19 ? ? 113.57 108.30 5.27   0.30 N 
55 1 N1    B DT 19 ? ? C2    B DT 19 ? ? N3    B DT  19 ? ? 118.67 114.60 4.07   0.60 N 
56 1 C2    B DT 19 ? ? N3    B DT 19 ? ? C4    B DT  19 ? ? 121.39 127.20 -5.81  0.60 N 
57 1 "C3'" B DT 19 ? ? "O3'" B DT 19 ? ? P     B DT  20 ? ? 133.09 119.70 13.39  1.20 Y 
58 1 OP1   B DT 20 ? ? P     B DT 20 ? ? OP2   B DT  20 ? ? 107.23 119.60 -12.37 1.50 N 
59 1 "O4'" B DT 20 ? ? "C1'" B DT 20 ? ? N1    B DT  20 ? ? 110.48 108.30 2.18   0.30 N 
60 1 N1    B DT 20 ? ? C2    B DT 20 ? ? N3    B DT  20 ? ? 118.51 114.60 3.91   0.60 N 
61 1 C2    B DT 20 ? ? N3    B DT 20 ? ? C4    B DT  20 ? ? 121.36 127.20 -5.84  0.60 N 
62 1 N3    B DT 20 ? ? C4    B DT 20 ? ? C5    B DT  20 ? ? 119.42 115.20 4.22   0.60 N 
63 1 "C3'" B DT 20 ? ? "O3'" B DT 20 ? ? P     B DC  21 ? ? 111.32 119.70 -8.38  1.20 Y 
64 1 "O4'" B DC 21 ? ? "C1'" B DC 21 ? ? N1    B DC  21 ? ? 111.06 108.30 2.76   0.30 N 
65 1 "C3'" B DC 21 ? ? "O3'" B DC 21 ? ? P     B DG  22 ? ? 128.51 119.70 8.81   1.20 Y 
66 1 "O4'" B DG 22 ? ? "C4'" B DG 22 ? ? "C3'" B DG  22 ? ? 100.28 104.50 -4.22  0.40 N 
67 1 "C4'" B DG 22 ? ? "C3'" B DG 22 ? ? "C2'" B DG  22 ? ? 97.71  102.20 -4.49  0.70 N 
68 1 "C3'" B DG 22 ? ? "C2'" B DG 22 ? ? "C1'" B DG  22 ? ? 95.47  102.40 -6.93  0.80 N 
69 1 "O4'" B DG 22 ? ? "C1'" B DG 22 ? ? N9    B DG  22 ? ? 116.06 108.30 7.76   0.30 N 
70 1 C6    B DG 22 ? ? N1    B DG 22 ? ? C2    B DG  22 ? ? 121.03 125.10 -4.07  0.60 N 
71 1 C5    B DG 22 ? ? C6    B DG 22 ? ? N1    B DG  22 ? ? 114.95 111.50 3.45   0.50 N 
72 1 "O3'" B DC 23 ? ? P     B DG 24 ? ? OP1   B DG  24 ? ? 117.48 110.50 6.98   1.10 Y 
73 1 OP1   B DG 24 ? ? P     B DG 24 ? ? OP2   B DG  24 ? ? 108.00 119.60 -11.60 1.50 N 
74 1 "C1'" B DG 24 ? ? "O4'" B DG 24 ? ? "C4'" B DG  24 ? ? 103.24 110.10 -6.86  1.00 N 
# 
loop_
_pdbx_struct_mod_residue.id 
_pdbx_struct_mod_residue.label_asym_id 
_pdbx_struct_mod_residue.label_comp_id 
_pdbx_struct_mod_residue.label_seq_id 
_pdbx_struct_mod_residue.auth_asym_id 
_pdbx_struct_mod_residue.auth_comp_id 
_pdbx_struct_mod_residue.auth_seq_id 
_pdbx_struct_mod_residue.PDB_ins_code 
_pdbx_struct_mod_residue.parent_comp_id 
_pdbx_struct_mod_residue.details 
1 A G36 4 A G36 4  ? DG ? 
2 B G36 4 B G36 16 ? DG ? 
# 
_struct_site_keywords.site_id   1 
_struct_site_keywords.text      'MINOR GROOVE BINDER' 
# 
loop_
_refine_B_iso.class 
_refine_B_iso.details 
_refine_B_iso.treatment 
_refine_B_iso.pdbx_refine_id 
'ALL ATOMS'  TR isotropic 'X-RAY DIFFRACTION' 
'ALL WATERS' TR isotropic 'X-RAY DIFFRACTION' 
# 
loop_
_refine_occupancy.class 
_refine_occupancy.treatment 
_refine_occupancy.pdbx_refine_id 
'ALL ATOMS'  fix 'X-RAY DIFFRACTION' 
'ALL WATERS' fix 'X-RAY DIFFRACTION' 
# 
loop_
_chem_comp_atom.comp_id 
_chem_comp_atom.atom_id 
_chem_comp_atom.type_symbol 
_chem_comp_atom.pdbx_aromatic_flag 
_chem_comp_atom.pdbx_stereo_config 
_chem_comp_atom.pdbx_ordinal 
DA  OP3    O N N 1   
DA  P      P N N 2   
DA  OP1    O N N 3   
DA  OP2    O N N 4   
DA  "O5'"  O N N 5   
DA  "C5'"  C N N 6   
DA  "C4'"  C N R 7   
DA  "O4'"  O N N 8   
DA  "C3'"  C N S 9   
DA  "O3'"  O N N 10  
DA  "C2'"  C N N 11  
DA  "C1'"  C N R 12  
DA  N9     N Y N 13  
DA  C8     C Y N 14  
DA  N7     N Y N 15  
DA  C5     C Y N 16  
DA  C6     C Y N 17  
DA  N6     N N N 18  
DA  N1     N Y N 19  
DA  C2     C Y N 20  
DA  N3     N Y N 21  
DA  C4     C Y N 22  
DA  HOP3   H N N 23  
DA  HOP2   H N N 24  
DA  "H5'"  H N N 25  
DA  "H5''" H N N 26  
DA  "H4'"  H N N 27  
DA  "H3'"  H N N 28  
DA  "HO3'" H N N 29  
DA  "H2'"  H N N 30  
DA  "H2''" H N N 31  
DA  "H1'"  H N N 32  
DA  H8     H N N 33  
DA  H61    H N N 34  
DA  H62    H N N 35  
DA  H2     H N N 36  
DC  OP3    O N N 37  
DC  P      P N N 38  
DC  OP1    O N N 39  
DC  OP2    O N N 40  
DC  "O5'"  O N N 41  
DC  "C5'"  C N N 42  
DC  "C4'"  C N R 43  
DC  "O4'"  O N N 44  
DC  "C3'"  C N S 45  
DC  "O3'"  O N N 46  
DC  "C2'"  C N N 47  
DC  "C1'"  C N R 48  
DC  N1     N N N 49  
DC  C2     C N N 50  
DC  O2     O N N 51  
DC  N3     N N N 52  
DC  C4     C N N 53  
DC  N4     N N N 54  
DC  C5     C N N 55  
DC  C6     C N N 56  
DC  HOP3   H N N 57  
DC  HOP2   H N N 58  
DC  "H5'"  H N N 59  
DC  "H5''" H N N 60  
DC  "H4'"  H N N 61  
DC  "H3'"  H N N 62  
DC  "HO3'" H N N 63  
DC  "H2'"  H N N 64  
DC  "H2''" H N N 65  
DC  "H1'"  H N N 66  
DC  H41    H N N 67  
DC  H42    H N N 68  
DC  H5     H N N 69  
DC  H6     H N N 70  
DG  OP3    O N N 71  
DG  P      P N N 72  
DG  OP1    O N N 73  
DG  OP2    O N N 74  
DG  "O5'"  O N N 75  
DG  "C5'"  C N N 76  
DG  "C4'"  C N R 77  
DG  "O4'"  O N N 78  
DG  "C3'"  C N S 79  
DG  "O3'"  O N N 80  
DG  "C2'"  C N N 81  
DG  "C1'"  C N R 82  
DG  N9     N Y N 83  
DG  C8     C Y N 84  
DG  N7     N Y N 85  
DG  C5     C Y N 86  
DG  C6     C N N 87  
DG  O6     O N N 88  
DG  N1     N N N 89  
DG  C2     C N N 90  
DG  N2     N N N 91  
DG  N3     N N N 92  
DG  C4     C Y N 93  
DG  HOP3   H N N 94  
DG  HOP2   H N N 95  
DG  "H5'"  H N N 96  
DG  "H5''" H N N 97  
DG  "H4'"  H N N 98  
DG  "H3'"  H N N 99  
DG  "HO3'" H N N 100 
DG  "H2'"  H N N 101 
DG  "H2''" H N N 102 
DG  "H1'"  H N N 103 
DG  H8     H N N 104 
DG  H1     H N N 105 
DG  H21    H N N 106 
DG  H22    H N N 107 
DT  OP3    O N N 108 
DT  P      P N N 109 
DT  OP1    O N N 110 
DT  OP2    O N N 111 
DT  "O5'"  O N N 112 
DT  "C5'"  C N N 113 
DT  "C4'"  C N R 114 
DT  "O4'"  O N N 115 
DT  "C3'"  C N S 116 
DT  "O3'"  O N N 117 
DT  "C2'"  C N N 118 
DT  "C1'"  C N R 119 
DT  N1     N N N 120 
DT  C2     C N N 121 
DT  O2     O N N 122 
DT  N3     N N N 123 
DT  C4     C N N 124 
DT  O4     O N N 125 
DT  C5     C N N 126 
DT  C7     C N N 127 
DT  C6     C N N 128 
DT  HOP3   H N N 129 
DT  HOP2   H N N 130 
DT  "H5'"  H N N 131 
DT  "H5''" H N N 132 
DT  "H4'"  H N N 133 
DT  "H3'"  H N N 134 
DT  "HO3'" H N N 135 
DT  "H2'"  H N N 136 
DT  "H2''" H N N 137 
DT  "H1'"  H N N 138 
DT  H3     H N N 139 
DT  H71    H N N 140 
DT  H72    H N N 141 
DT  H73    H N N 142 
DT  H6     H N N 143 
G36 P      P N N 144 
G36 O1P    O N N 145 
G36 O2P    O N N 146 
G36 O3P    O N N 147 
G36 "O5'"  O N N 148 
G36 "C5'"  C N N 149 
G36 "C4'"  C N R 150 
G36 "O4'"  O N N 151 
G36 "C3'"  C N S 152 
G36 "O3'"  O N N 153 
G36 "C2'"  C N N 154 
G36 CM2    C N N 155 
G36 "C1'"  C N R 156 
G36 N9     N Y N 157 
G36 C8     C Y N 158 
G36 N7     N Y N 159 
G36 C5     C Y N 160 
G36 C6     C Y N 161 
G36 O6     O N N 162 
G36 N1     N Y N 163 
G36 C2     C Y N 164 
G36 N2     N N N 165 
G36 C1M    C N N 166 
G36 N3     N Y N 167 
G36 C4     C Y N 168 
G36 H2P    H N N 169 
G36 H3P    H N N 170 
G36 "H5'1" H N N 171 
G36 "H5'2" H N N 172 
G36 "H4'"  H N N 173 
G36 "H3'"  H N N 174 
G36 HA     H N N 175 
G36 "H2'1" H N N 176 
G36 "H2'2" H N N 177 
G36 HM21   H N N 178 
G36 HM22   H N N 179 
G36 HM23   H N N 180 
G36 "H1'"  H N N 181 
G36 H8     H N N 182 
G36 H2N1   H N N 183 
G36 H2N2   H N N 184 
G36 H1M1   H N N 185 
G36 H1M2   H N N 186 
HOH O      O N N 187 
HOH H1     H N N 188 
HOH H2     H N N 189 
HT1 C1     C Y N 190 
HT1 O1     O N N 191 
HT1 C2     C Y N 192 
HT1 C3     C Y N 193 
HT1 C4     C Y N 194 
HT1 C5     C Y N 195 
HT1 C6     C Y N 196 
HT1 C7     C Y N 197 
HT1 N1     N Y N 198 
HT1 C8     C Y N 199 
HT1 C9     C Y N 200 
HT1 N2     N Y N 201 
HT1 C10    C Y N 202 
HT1 C11    C Y N 203 
HT1 C12    C Y N 204 
HT1 C13    C Y N 205 
HT1 C14    C Y N 206 
HT1 N3     N Y N 207 
HT1 C15    C Y N 208 
HT1 C16    C Y N 209 
HT1 N4     N Y N 210 
HT1 C17    C Y N 211 
HT1 C18    C Y N 212 
HT1 C19    C Y N 213 
HT1 C20    C Y N 214 
HT1 N5     N N N 215 
HT1 C21    C N N 216 
HT1 C22    C N N 217 
HT1 N6     N N N 218 
HT1 C23    C N N 219 
HT1 C24    C N N 220 
HT1 C25    C N N 221 
HT1 C26    C N N 222 
HT1 C27    C N N 223 
HT1 H2     H N N 224 
HT1 H3     H N N 225 
HT1 H5     H N N 226 
HT1 H6     H N N 227 
HT1 HN1    H N N 228 
HT1 H10    H N N 229 
HT1 H11    H N N 230 
HT1 H13    H N N 231 
HT1 HN3    H N N 232 
HT1 H17    H N N 233 
HT1 H18    H N N 234 
HT1 H20    H N N 235 
HT1 H211   H N N 236 
HT1 H212   H N N 237 
HT1 H221   H N N 238 
HT1 H222   H N N 239 
HT1 H231   H N N 240 
HT1 H232   H N N 241 
HT1 H241   H N N 242 
HT1 H242   H N N 243 
HT1 H251   H N N 244 
HT1 H252   H N N 245 
HT1 H253   H N N 246 
HT1 H261   H N N 247 
HT1 H262   H N N 248 
HT1 H271   H N N 249 
HT1 H272   H N N 250 
HT1 H273   H N N 251 
# 
loop_
_chem_comp_bond.comp_id 
_chem_comp_bond.atom_id_1 
_chem_comp_bond.atom_id_2 
_chem_comp_bond.value_order 
_chem_comp_bond.pdbx_aromatic_flag 
_chem_comp_bond.pdbx_stereo_config 
_chem_comp_bond.pdbx_ordinal 
DA  OP3   P      sing N N 1   
DA  OP3   HOP3   sing N N 2   
DA  P     OP1    doub N N 3   
DA  P     OP2    sing N N 4   
DA  P     "O5'"  sing N N 5   
DA  OP2   HOP2   sing N N 6   
DA  "O5'" "C5'"  sing N N 7   
DA  "C5'" "C4'"  sing N N 8   
DA  "C5'" "H5'"  sing N N 9   
DA  "C5'" "H5''" sing N N 10  
DA  "C4'" "O4'"  sing N N 11  
DA  "C4'" "C3'"  sing N N 12  
DA  "C4'" "H4'"  sing N N 13  
DA  "O4'" "C1'"  sing N N 14  
DA  "C3'" "O3'"  sing N N 15  
DA  "C3'" "C2'"  sing N N 16  
DA  "C3'" "H3'"  sing N N 17  
DA  "O3'" "HO3'" sing N N 18  
DA  "C2'" "C1'"  sing N N 19  
DA  "C2'" "H2'"  sing N N 20  
DA  "C2'" "H2''" sing N N 21  
DA  "C1'" N9     sing N N 22  
DA  "C1'" "H1'"  sing N N 23  
DA  N9    C8     sing Y N 24  
DA  N9    C4     sing Y N 25  
DA  C8    N7     doub Y N 26  
DA  C8    H8     sing N N 27  
DA  N7    C5     sing Y N 28  
DA  C5    C6     sing Y N 29  
DA  C5    C4     doub Y N 30  
DA  C6    N6     sing N N 31  
DA  C6    N1     doub Y N 32  
DA  N6    H61    sing N N 33  
DA  N6    H62    sing N N 34  
DA  N1    C2     sing Y N 35  
DA  C2    N3     doub Y N 36  
DA  C2    H2     sing N N 37  
DA  N3    C4     sing Y N 38  
DC  OP3   P      sing N N 39  
DC  OP3   HOP3   sing N N 40  
DC  P     OP1    doub N N 41  
DC  P     OP2    sing N N 42  
DC  P     "O5'"  sing N N 43  
DC  OP2   HOP2   sing N N 44  
DC  "O5'" "C5'"  sing N N 45  
DC  "C5'" "C4'"  sing N N 46  
DC  "C5'" "H5'"  sing N N 47  
DC  "C5'" "H5''" sing N N 48  
DC  "C4'" "O4'"  sing N N 49  
DC  "C4'" "C3'"  sing N N 50  
DC  "C4'" "H4'"  sing N N 51  
DC  "O4'" "C1'"  sing N N 52  
DC  "C3'" "O3'"  sing N N 53  
DC  "C3'" "C2'"  sing N N 54  
DC  "C3'" "H3'"  sing N N 55  
DC  "O3'" "HO3'" sing N N 56  
DC  "C2'" "C1'"  sing N N 57  
DC  "C2'" "H2'"  sing N N 58  
DC  "C2'" "H2''" sing N N 59  
DC  "C1'" N1     sing N N 60  
DC  "C1'" "H1'"  sing N N 61  
DC  N1    C2     sing N N 62  
DC  N1    C6     sing N N 63  
DC  C2    O2     doub N N 64  
DC  C2    N3     sing N N 65  
DC  N3    C4     doub N N 66  
DC  C4    N4     sing N N 67  
DC  C4    C5     sing N N 68  
DC  N4    H41    sing N N 69  
DC  N4    H42    sing N N 70  
DC  C5    C6     doub N N 71  
DC  C5    H5     sing N N 72  
DC  C6    H6     sing N N 73  
DG  OP3   P      sing N N 74  
DG  OP3   HOP3   sing N N 75  
DG  P     OP1    doub N N 76  
DG  P     OP2    sing N N 77  
DG  P     "O5'"  sing N N 78  
DG  OP2   HOP2   sing N N 79  
DG  "O5'" "C5'"  sing N N 80  
DG  "C5'" "C4'"  sing N N 81  
DG  "C5'" "H5'"  sing N N 82  
DG  "C5'" "H5''" sing N N 83  
DG  "C4'" "O4'"  sing N N 84  
DG  "C4'" "C3'"  sing N N 85  
DG  "C4'" "H4'"  sing N N 86  
DG  "O4'" "C1'"  sing N N 87  
DG  "C3'" "O3'"  sing N N 88  
DG  "C3'" "C2'"  sing N N 89  
DG  "C3'" "H3'"  sing N N 90  
DG  "O3'" "HO3'" sing N N 91  
DG  "C2'" "C1'"  sing N N 92  
DG  "C2'" "H2'"  sing N N 93  
DG  "C2'" "H2''" sing N N 94  
DG  "C1'" N9     sing N N 95  
DG  "C1'" "H1'"  sing N N 96  
DG  N9    C8     sing Y N 97  
DG  N9    C4     sing Y N 98  
DG  C8    N7     doub Y N 99  
DG  C8    H8     sing N N 100 
DG  N7    C5     sing Y N 101 
DG  C5    C6     sing N N 102 
DG  C5    C4     doub Y N 103 
DG  C6    O6     doub N N 104 
DG  C6    N1     sing N N 105 
DG  N1    C2     sing N N 106 
DG  N1    H1     sing N N 107 
DG  C2    N2     sing N N 108 
DG  C2    N3     doub N N 109 
DG  N2    H21    sing N N 110 
DG  N2    H22    sing N N 111 
DG  N3    C4     sing N N 112 
DT  OP3   P      sing N N 113 
DT  OP3   HOP3   sing N N 114 
DT  P     OP1    doub N N 115 
DT  P     OP2    sing N N 116 
DT  P     "O5'"  sing N N 117 
DT  OP2   HOP2   sing N N 118 
DT  "O5'" "C5'"  sing N N 119 
DT  "C5'" "C4'"  sing N N 120 
DT  "C5'" "H5'"  sing N N 121 
DT  "C5'" "H5''" sing N N 122 
DT  "C4'" "O4'"  sing N N 123 
DT  "C4'" "C3'"  sing N N 124 
DT  "C4'" "H4'"  sing N N 125 
DT  "O4'" "C1'"  sing N N 126 
DT  "C3'" "O3'"  sing N N 127 
DT  "C3'" "C2'"  sing N N 128 
DT  "C3'" "H3'"  sing N N 129 
DT  "O3'" "HO3'" sing N N 130 
DT  "C2'" "C1'"  sing N N 131 
DT  "C2'" "H2'"  sing N N 132 
DT  "C2'" "H2''" sing N N 133 
DT  "C1'" N1     sing N N 134 
DT  "C1'" "H1'"  sing N N 135 
DT  N1    C2     sing N N 136 
DT  N1    C6     sing N N 137 
DT  C2    O2     doub N N 138 
DT  C2    N3     sing N N 139 
DT  N3    C4     sing N N 140 
DT  N3    H3     sing N N 141 
DT  C4    O4     doub N N 142 
DT  C4    C5     sing N N 143 
DT  C5    C7     sing N N 144 
DT  C5    C6     doub N N 145 
DT  C7    H71    sing N N 146 
DT  C7    H72    sing N N 147 
DT  C7    H73    sing N N 148 
DT  C6    H6     sing N N 149 
G36 P     O1P    doub N N 150 
G36 P     O2P    sing N N 151 
G36 P     O3P    sing N N 152 
G36 P     "O5'"  sing N N 153 
G36 O2P   H2P    sing N N 154 
G36 O3P   H3P    sing N N 155 
G36 "O5'" "C5'"  sing N N 156 
G36 "C5'" "C4'"  sing N N 157 
G36 "C5'" "H5'1" sing N N 158 
G36 "C5'" "H5'2" sing N N 159 
G36 "C4'" "O4'"  sing N N 160 
G36 "C4'" "C3'"  sing N N 161 
G36 "C4'" "H4'"  sing N N 162 
G36 "O4'" "C1'"  sing N N 163 
G36 "C3'" "O3'"  sing N N 164 
G36 "C3'" "C2'"  sing N N 165 
G36 "C3'" "H3'"  sing N N 166 
G36 "O3'" HA     sing N N 167 
G36 "C2'" "C1'"  sing N N 168 
G36 "C2'" "H2'1" sing N N 169 
G36 "C2'" "H2'2" sing N N 170 
G36 CM2   C1M    sing N N 171 
G36 CM2   HM21   sing N N 172 
G36 CM2   HM22   sing N N 173 
G36 CM2   HM23   sing N N 174 
G36 "C1'" N9     sing N N 175 
G36 "C1'" "H1'"  sing N N 176 
G36 N9    C8     sing Y N 177 
G36 N9    C4     sing Y N 178 
G36 C8    N7     doub Y N 179 
G36 C8    H8     sing N N 180 
G36 N7    C5     sing Y N 181 
G36 C5    C6     doub Y N 182 
G36 C5    C4     sing Y N 183 
G36 C6    O6     sing N N 184 
G36 C6    N1     sing Y N 185 
G36 O6    C1M    sing N N 186 
G36 N1    C2     doub Y N 187 
G36 C2    N2     sing N N 188 
G36 C2    N3     sing Y N 189 
G36 N2    H2N1   sing N N 190 
G36 N2    H2N2   sing N N 191 
G36 C1M   H1M1   sing N N 192 
G36 C1M   H1M2   sing N N 193 
G36 N3    C4     doub Y N 194 
HOH O     H1     sing N N 195 
HOH O     H2     sing N N 196 
HT1 C1    O1     sing N N 197 
HT1 C1    C2     doub Y N 198 
HT1 C1    C6     sing Y N 199 
HT1 O1    C26    sing N N 200 
HT1 C2    C3     sing Y N 201 
HT1 C2    H2     sing N N 202 
HT1 C3    C4     doub Y N 203 
HT1 C3    H3     sing N N 204 
HT1 C4    C5     sing Y N 205 
HT1 C4    C7     sing Y N 206 
HT1 C5    C6     doub Y N 207 
HT1 C5    H5     sing N N 208 
HT1 C6    H6     sing N N 209 
HT1 C7    N1     sing Y N 210 
HT1 C7    N2     doub Y N 211 
HT1 N1    C8     sing Y N 212 
HT1 N1    HN1    sing N N 213 
HT1 C8    C9     doub Y N 214 
HT1 C8    C13    sing Y N 215 
HT1 C9    N2     sing Y N 216 
HT1 C9    C10    sing Y N 217 
HT1 C10   C11    doub Y N 218 
HT1 C10   H10    sing N N 219 
HT1 C11   C12    sing Y N 220 
HT1 C11   H11    sing N N 221 
HT1 C12   C13    doub Y N 222 
HT1 C12   C14    sing Y N 223 
HT1 C13   H13    sing N N 224 
HT1 C14   N3     sing Y N 225 
HT1 C14   N4     doub Y N 226 
HT1 N3    C15    sing Y N 227 
HT1 N3    HN3    sing N N 228 
HT1 C15   C16    doub Y N 229 
HT1 C15   C20    sing Y N 230 
HT1 C16   N4     sing Y N 231 
HT1 C16   C17    sing Y N 232 
HT1 C17   C18    doub Y N 233 
HT1 C17   H17    sing N N 234 
HT1 C18   C19    sing Y N 235 
HT1 C18   H18    sing N N 236 
HT1 C19   C20    doub Y N 237 
HT1 C19   N5     sing N N 238 
HT1 C20   H20    sing N N 239 
HT1 N5    C21    sing N N 240 
HT1 N5    C24    sing N N 241 
HT1 C21   C22    sing N N 242 
HT1 C21   H211   sing N N 243 
HT1 C21   H212   sing N N 244 
HT1 C22   N6     sing N N 245 
HT1 C22   H221   sing N N 246 
HT1 C22   H222   sing N N 247 
HT1 N6    C23    sing N N 248 
HT1 N6    C25    sing N N 249 
HT1 C23   C24    sing N N 250 
HT1 C23   H231   sing N N 251 
HT1 C23   H232   sing N N 252 
HT1 C24   H241   sing N N 253 
HT1 C24   H242   sing N N 254 
HT1 C25   H251   sing N N 255 
HT1 C25   H252   sing N N 256 
HT1 C25   H253   sing N N 257 
HT1 C26   C27    sing N N 258 
HT1 C26   H261   sing N N 259 
HT1 C26   H262   sing N N 260 
HT1 C27   H271   sing N N 261 
HT1 C27   H272   sing N N 262 
HT1 C27   H273   sing N N 263 
# 
loop_
_ndb_struct_conf_na.entry_id 
_ndb_struct_conf_na.feature 
130D 'double helix'        
130D 'b-form double helix' 
# 
loop_
_ndb_struct_na_base_pair.model_number 
_ndb_struct_na_base_pair.i_label_asym_id 
_ndb_struct_na_base_pair.i_label_comp_id 
_ndb_struct_na_base_pair.i_label_seq_id 
_ndb_struct_na_base_pair.i_symmetry 
_ndb_struct_na_base_pair.j_label_asym_id 
_ndb_struct_na_base_pair.j_label_comp_id 
_ndb_struct_na_base_pair.j_label_seq_id 
_ndb_struct_na_base_pair.j_symmetry 
_ndb_struct_na_base_pair.shear 
_ndb_struct_na_base_pair.stretch 
_ndb_struct_na_base_pair.stagger 
_ndb_struct_na_base_pair.buckle 
_ndb_struct_na_base_pair.propeller 
_ndb_struct_na_base_pair.opening 
_ndb_struct_na_base_pair.pair_number 
_ndb_struct_na_base_pair.pair_name 
_ndb_struct_na_base_pair.i_auth_asym_id 
_ndb_struct_na_base_pair.i_auth_seq_id 
_ndb_struct_na_base_pair.i_PDB_ins_code 
_ndb_struct_na_base_pair.j_auth_asym_id 
_ndb_struct_na_base_pair.j_auth_seq_id 
_ndb_struct_na_base_pair.j_PDB_ins_code 
_ndb_struct_na_base_pair.hbond_type_28 
_ndb_struct_na_base_pair.hbond_type_12 
1 A DC  1  1_555 B DG  12 1_555 -0.077 -0.207 -0.101 14.737  4.077   -2.597 1  A_DC1:DG24_B  A 1  ? B 24 ? 19 1 
1 A DG  2  1_555 B DC  11 1_555 0.233  -0.220 0.503  8.079   -19.017 0.617  2  A_DG2:DC23_B  A 2  ? B 23 ? 19 1 
1 A DC  3  1_555 B DG  10 1_555 -0.028 -0.174 -0.593 3.153   -6.589  -0.445 3  A_DC3:DG22_B  A 3  ? B 22 ? 19 1 
1 A G36 4  1_555 B DC  9  1_555 0.750  -0.219 1.096  21.907  -0.297  0.284  4  A_G364:DC21_B A 4  ? B 21 ? 19 1 
1 A DA  5  1_555 B DT  8  1_555 0.190  -0.139 0.348  0.981   -4.297  -7.247 5  A_DA5:DT20_B  A 5  ? B 20 ? 20 1 
1 A DA  6  1_555 B DT  7  1_555 0.706  -0.206 0.698  9.548   -27.428 -4.487 6  A_DA6:DT19_B  A 6  ? B 19 ? 20 1 
1 A DT  7  1_555 B DA  6  1_555 0.067  -0.272 0.250  -6.221  2.370   9.200  7  A_DT7:DA18_B  A 7  ? B 18 ? 20 1 
1 A DT  8  1_555 B DA  5  1_555 0.516  -0.300 -0.218 -4.674  -4.755  13.983 8  A_DT8:DA17_B  A 8  ? B 17 ? 20 1 
1 A DC  9  1_555 B G36 4  1_555 -2.321 -0.206 0.904  -18.829 -28.366 -8.993 9  A_DC9:G3616_B A 9  ? B 16 ? ?  1 
1 A DG  10 1_555 B DC  3  1_555 0.007  -0.099 0.351  11.953  -8.789  -5.810 10 A_DG10:DC15_B A 10 ? B 15 ? 19 1 
1 A DC  11 1_555 B DG  2  1_555 0.337  -0.168 0.283  5.374   4.616   1.712  11 A_DC11:DG14_B A 11 ? B 14 ? 19 1 
1 A DG  12 1_555 B DC  1  1_555 -0.253 -0.343 1.074  9.587   2.724   -2.070 12 A_DG12:DC13_B A 12 ? B 13 ? 19 1 
# 
loop_
_ndb_struct_na_base_pair_step.model_number 
_ndb_struct_na_base_pair_step.i_label_asym_id_1 
_ndb_struct_na_base_pair_step.i_label_comp_id_1 
_ndb_struct_na_base_pair_step.i_label_seq_id_1 
_ndb_struct_na_base_pair_step.i_symmetry_1 
_ndb_struct_na_base_pair_step.j_label_asym_id_1 
_ndb_struct_na_base_pair_step.j_label_comp_id_1 
_ndb_struct_na_base_pair_step.j_label_seq_id_1 
_ndb_struct_na_base_pair_step.j_symmetry_1 
_ndb_struct_na_base_pair_step.i_label_asym_id_2 
_ndb_struct_na_base_pair_step.i_label_comp_id_2 
_ndb_struct_na_base_pair_step.i_label_seq_id_2 
_ndb_struct_na_base_pair_step.i_symmetry_2 
_ndb_struct_na_base_pair_step.j_label_asym_id_2 
_ndb_struct_na_base_pair_step.j_label_comp_id_2 
_ndb_struct_na_base_pair_step.j_label_seq_id_2 
_ndb_struct_na_base_pair_step.j_symmetry_2 
_ndb_struct_na_base_pair_step.shift 
_ndb_struct_na_base_pair_step.slide 
_ndb_struct_na_base_pair_step.rise 
_ndb_struct_na_base_pair_step.tilt 
_ndb_struct_na_base_pair_step.roll 
_ndb_struct_na_base_pair_step.twist 
_ndb_struct_na_base_pair_step.x_displacement 
_ndb_struct_na_base_pair_step.y_displacement 
_ndb_struct_na_base_pair_step.helical_rise 
_ndb_struct_na_base_pair_step.inclination 
_ndb_struct_na_base_pair_step.tip 
_ndb_struct_na_base_pair_step.helical_twist 
_ndb_struct_na_base_pair_step.step_number 
_ndb_struct_na_base_pair_step.step_name 
_ndb_struct_na_base_pair_step.i_auth_asym_id_1 
_ndb_struct_na_base_pair_step.i_auth_seq_id_1 
_ndb_struct_na_base_pair_step.i_PDB_ins_code_1 
_ndb_struct_na_base_pair_step.j_auth_asym_id_1 
_ndb_struct_na_base_pair_step.j_auth_seq_id_1 
_ndb_struct_na_base_pair_step.j_PDB_ins_code_1 
_ndb_struct_na_base_pair_step.i_auth_asym_id_2 
_ndb_struct_na_base_pair_step.i_auth_seq_id_2 
_ndb_struct_na_base_pair_step.i_PDB_ins_code_2 
_ndb_struct_na_base_pair_step.j_auth_asym_id_2 
_ndb_struct_na_base_pair_step.j_auth_seq_id_2 
_ndb_struct_na_base_pair_step.j_PDB_ins_code_2 
1 A DC  1  1_555 B DG  12 1_555 A DG  2  1_555 B DC  11 1_555 -0.192 0.513  3.436 -2.063 13.840  45.188 -0.579 0.058  3.448 17.522 
2.611   47.196 1  AA_DC1DG2:DC23DG24_BB   A 1  ? B 24 ? A 2  ? B 23 ? 
1 A DG  2  1_555 B DC  11 1_555 A DC  3  1_555 B DG  10 1_555 0.604  1.040  3.673 8.663  -10.001 37.741 2.799  0.221  3.355 
-14.912 -12.916 39.914 2  AA_DG2DC3:DG22DC23_BB   A 2  ? B 23 ? A 3  ? B 22 ? 
1 A DC  3  1_555 B DG  10 1_555 A G36 4  1_555 B DC  9  1_555 0.645  0.247  3.221 -8.490 1.725   27.795 0.130  -3.070 2.910 3.485 
17.154  29.088 3  AA_DC3G364:DC21DG22_BB  A 3  ? B 22 ? A 4  ? B 21 ? 
1 A G36 4  1_555 B DC  9  1_555 A DA  5  1_555 B DT  8  1_555 -0.868 -0.399 3.742 1.448  1.127   42.783 -0.675 1.353  3.700 1.544 
-1.985  42.820 4  AA_G364DA5:DT20DC21_BB  A 4  ? B 21 ? A 5  ? B 20 ? 
1 A DA  5  1_555 B DT  8  1_555 A DA  6  1_555 B DT  7  1_555 0.227  0.215  3.017 0.257  -7.500  40.162 1.065  -0.299 2.933 
-10.807 -0.370  40.829 5  AA_DA5DA6:DT19DT20_BB   A 5  ? B 20 ? A 6  ? B 19 ? 
1 A DA  6  1_555 B DT  7  1_555 A DT  7  1_555 B DA  6  1_555 0.521  -1.516 3.621 5.033  3.125   24.824 -4.411 0.394  3.443 7.141 
-11.500 25.511 6  AA_DA6DT7:DA18DT19_BB   A 6  ? B 19 ? A 7  ? B 18 ? 
1 A DT  7  1_555 B DA  6  1_555 A DT  8  1_555 B DA  5  1_555 -0.175 -0.358 3.143 2.288  0.910   39.079 -0.639 0.523  3.119 1.359 
-3.416  39.154 7  AA_DT7DT8:DA17DA18_BB   A 7  ? B 18 ? A 8  ? B 17 ? 
1 A DT  8  1_555 B DA  5  1_555 A DC  9  1_555 B G36 4  1_555 -0.770 0.056  3.795 -5.296 -7.604  26.454 2.244  0.110  3.717 
-16.004 11.146  28.002 8  AA_DT8DC9:G3616DA17_BB  A 8  ? B 17 ? A 9  ? B 16 ? 
1 A DC  9  1_555 B G36 4  1_555 A DG  10 1_555 B DC  3  1_555 0.492  0.770  2.908 0.906  1.653   42.832 0.906  -0.592 2.944 2.262 
-1.239  42.871 9  AA_DC9DG10:DC15G3616_BB A 9  ? B 16 ? A 10 ? B 15 ? 
1 A DG  10 1_555 B DC  3  1_555 A DC  11 1_555 B DG  2  1_555 -0.110 0.706  3.813 -0.679 -15.514 38.108 2.917  0.073  3.296 
-22.646 0.991   41.041 10 AA_DG10DC11:DG14DC15_BB A 10 ? B 15 ? A 11 ? B 14 ? 
1 A DC  11 1_555 B DG  2  1_555 A DG  12 1_555 B DC  1  1_555 0.286  0.284  3.077 -3.029 11.678  39.964 -0.774 -0.707 3.013 16.633 
4.314   41.674 11 AA_DC11DG12:DC13DG14_BB A 11 ? B 14 ? A 12 ? B 13 ? 
# 
_atom_sites.entry_id                    130D 
_atom_sites.fract_transf_matrix[1][1]   0.00278043 
_atom_sites.fract_transf_matrix[1][2]   -0.02557777 
_atom_sites.fract_transf_matrix[1][3]   -0.02916964 
_atom_sites.fract_transf_matrix[2][1]   -0.02403208 
_atom_sites.fract_transf_matrix[2][2]   0.00057589 
_atom_sites.fract_transf_matrix[2][3]   -0.00279570 
_atom_sites.fract_transf_matrix[3][1]   0.00139857 
_atom_sites.fract_transf_matrix[3][2]   0.01122545 
_atom_sites.fract_transf_matrix[3][3]   -0.00970987 
_atom_sites.fract_transf_vector[1]      0.593472 
_atom_sites.fract_transf_vector[2]      0.521147 
_atom_sites.fract_transf_vector[3]      0.121877 
# 
loop_
_atom_type.symbol 
C 
N 
O 
P 
# 
loop_
_atom_site.group_PDB 
_atom_site.id 
_atom_site.type_symbol 
_atom_site.label_atom_id 
_atom_site.label_alt_id 
_atom_site.label_comp_id 
_atom_site.label_asym_id 
_atom_site.label_entity_id 
_atom_site.label_seq_id 
_atom_site.pdbx_PDB_ins_code 
_atom_site.Cartn_x 
_atom_site.Cartn_y 
_atom_site.Cartn_z 
_atom_site.occupancy 
_atom_site.B_iso_or_equiv 
_atom_site.pdbx_formal_charge 
_atom_site.auth_seq_id 
_atom_site.auth_comp_id 
_atom_site.auth_asym_id 
_atom_site.auth_atom_id 
_atom_site.pdbx_PDB_model_num 
ATOM   1   O "O5'" . DC  A 1 1  ? -10.231 12.570  -14.206 1.00 10.04 ? 1  DC  A "O5'" 1 
ATOM   2   C "C5'" . DC  A 1 1  ? -10.439 11.155  -13.750 1.00 10.07 ? 1  DC  A "C5'" 1 
ATOM   3   C "C4'" . DC  A 1 1  ? -9.838  10.257  -14.804 1.00 10.10 ? 1  DC  A "C4'" 1 
ATOM   4   O "O4'" . DC  A 1 1  ? -8.551  10.770  -15.220 1.00 10.09 ? 1  DC  A "O4'" 1 
ATOM   5   C "C3'" . DC  A 1 1  ? -9.496  8.838   -14.398 1.00 10.11 ? 1  DC  A "C3'" 1 
ATOM   6   O "O3'" . DC  A 1 1  ? -9.217  7.948   -15.469 1.00 10.12 ? 1  DC  A "O3'" 1 
ATOM   7   C "C2'" . DC  A 1 1  ? -8.219  9.136   -13.550 1.00 10.10 ? 1  DC  A "C2'" 1 
ATOM   8   C "C1'" . DC  A 1 1  ? -7.510  10.094  -14.463 1.00 10.11 ? 1  DC  A "C1'" 1 
ATOM   9   N N1    . DC  A 1 1  ? -6.705  11.090  -13.740 1.00 10.12 ? 1  DC  A N1    1 
ATOM   10  C C2    . DC  A 1 1  ? -5.426  11.347  -14.269 1.00 10.15 ? 1  DC  A C2    1 
ATOM   11  O O2    . DC  A 1 1  ? -5.020  10.731  -15.251 1.00 10.14 ? 1  DC  A O2    1 
ATOM   12  N N3    . DC  A 1 1  ? -4.631  12.273  -13.659 1.00 10.13 ? 1  DC  A N3    1 
ATOM   13  C C4    . DC  A 1 1  ? -5.087  12.991  -12.597 1.00 10.15 ? 1  DC  A C4    1 
ATOM   14  N N4    . DC  A 1 1  ? -4.286  13.895  -12.035 1.00 10.13 ? 1  DC  A N4    1 
ATOM   15  C C5    . DC  A 1 1  ? -6.394  12.734  -12.075 1.00 10.14 ? 1  DC  A C5    1 
ATOM   16  C C6    . DC  A 1 1  ? -7.137  11.796  -12.677 1.00 10.12 ? 1  DC  A C6    1 
ATOM   17  P P     . DG  A 1 2  ? -9.389  6.356   -15.327 1.00 10.68 ? 2  DG  A P     1 
ATOM   18  O OP1   . DG  A 1 2  ? -10.669 5.842   -15.867 1.00 10.14 ? 2  DG  A OP1   1 
ATOM   19  O OP2   . DG  A 1 2  ? -9.314  6.188   -13.819 1.00 10.48 ? 2  DG  A OP2   1 
ATOM   20  O "O5'" . DG  A 1 2  ? -8.101  5.746   -16.041 1.00 10.46 ? 2  DG  A "O5'" 1 
ATOM   21  C "C5'" . DG  A 1 2  ? -6.830  6.365   -15.606 1.00 10.53 ? 2  DG  A "C5'" 1 
ATOM   22  C "C4'" . DG  A 1 2  ? -5.758  5.564   -16.296 1.00 10.55 ? 2  DG  A "C4'" 1 
ATOM   23  O "O4'" . DG  A 1 2  ? -4.509  6.207   -16.134 1.00 10.60 ? 2  DG  A "O4'" 1 
ATOM   24  C "C3'" . DG  A 1 2  ? -5.532  4.203   -15.653 1.00 10.56 ? 2  DG  A "C3'" 1 
ATOM   25  O "O3'" . DG  A 1 2  ? -4.837  3.253   -16.465 1.00 10.46 ? 2  DG  A "O3'" 1 
ATOM   26  C "C2'" . DG  A 1 2  ? -4.736  4.591   -14.409 1.00 10.61 ? 2  DG  A "C2'" 1 
ATOM   27  C "C1'" . DG  A 1 2  ? -4.053  5.863   -14.798 1.00 10.70 ? 2  DG  A "C1'" 1 
ATOM   28  N N9    . DG  A 1 2  ? -4.380  6.881   -13.782 1.00 10.77 ? 2  DG  A N9    1 
ATOM   29  C C8    . DG  A 1 2  ? -5.523  7.087   -13.101 1.00 10.79 ? 2  DG  A C8    1 
ATOM   30  N N7    . DG  A 1 2  ? -5.463  8.075   -12.238 1.00 10.84 ? 2  DG  A N7    1 
ATOM   31  C C5    . DG  A 1 2  ? -4.161  8.537   -12.350 1.00 10.86 ? 2  DG  A C5    1 
ATOM   32  C C6    . DG  A 1 2  ? -3.477  9.584   -11.691 1.00 10.88 ? 2  DG  A C6    1 
ATOM   33  O O6    . DG  A 1 2  ? -3.917  10.340  -10.819 1.00 10.98 ? 2  DG  A O6    1 
ATOM   34  N N1    . DG  A 1 2  ? -2.171  9.741   -12.082 1.00 10.94 ? 2  DG  A N1    1 
ATOM   35  C C2    . DG  A 1 2  ? -1.591  8.969   -13.036 1.00 10.93 ? 2  DG  A C2    1 
ATOM   36  N N2    . DG  A 1 2  ? -0.325  9.252   -13.351 1.00 10.97 ? 2  DG  A N2    1 
ATOM   37  N N3    . DG  A 1 2  ? -2.192  7.971   -13.689 1.00 10.91 ? 2  DG  A N3    1 
ATOM   38  C C4    . DG  A 1 2  ? -3.478  7.810   -13.289 1.00 10.84 ? 2  DG  A C4    1 
ATOM   39  P P     . DC  A 1 3  ? -4.620  1.742   -15.781 1.00 9.49  ? 3  DC  A P     1 
ATOM   40  O OP1   . DC  A 1 3  ? -5.051  0.710   -16.758 1.00 9.68  ? 3  DC  A OP1   1 
ATOM   41  O OP2   . DC  A 1 3  ? -5.408  1.835   -14.573 1.00 9.31  ? 3  DC  A OP2   1 
ATOM   42  O "O5'" . DC  A 1 3  ? -3.032  1.787   -15.614 1.00 9.85  ? 3  DC  A "O5'" 1 
ATOM   43  C "C5'" . DC  A 1 3  ? -2.434  1.431   -14.312 1.00 9.89  ? 3  DC  A "C5'" 1 
ATOM   44  C "C4'" . DC  A 1 3  ? -0.979  1.874   -14.435 1.00 9.83  ? 3  DC  A "C4'" 1 
ATOM   45  O "O4'" . DC  A 1 3  ? -0.970  3.300   -14.321 1.00 9.88  ? 3  DC  A "O4'" 1 
ATOM   46  C "C3'" . DC  A 1 3  ? 0.027   1.346   -13.427 1.00 9.79  ? 3  DC  A "C3'" 1 
ATOM   47  O "O3'" . DC  A 1 3  ? 1.314   1.164   -13.968 1.00 9.58  ? 3  DC  A "O3'" 1 
ATOM   48  C "C2'" . DC  A 1 3  ? 0.061   2.420   -12.347 1.00 9.84  ? 3  DC  A "C2'" 1 
ATOM   49  C "C1'" . DC  A 1 3  ? -0.476  3.655   -13.025 1.00 9.97  ? 3  DC  A "C1'" 1 
ATOM   50  N N1    . DC  A 1 3  ? -1.543  4.199   -12.147 1.00 10.05 ? 3  DC  A N1    1 
ATOM   51  C C2    . DC  A 1 3  ? -1.259  5.390   -11.512 1.00 10.11 ? 3  DC  A C2    1 
ATOM   52  O O2    . DC  A 1 3  ? -0.177  5.935   -11.684 1.00 10.16 ? 3  DC  A O2    1 
ATOM   53  N N3    . DC  A 1 3  ? -2.211  5.900   -10.668 1.00 10.16 ? 3  DC  A N3    1 
ATOM   54  C C4    . DC  A 1 3  ? -3.409  5.274   -10.473 1.00 10.14 ? 3  DC  A C4    1 
ATOM   55  N N4    . DC  A 1 3  ? -4.280  5.820   -9.639  1.00 10.17 ? 3  DC  A N4    1 
ATOM   56  C C5    . DC  A 1 3  ? -3.699  4.041   -11.127 1.00 10.13 ? 3  DC  A C5    1 
ATOM   57  C C6    . DC  A 1 3  ? -2.731  3.549   -11.936 1.00 10.13 ? 3  DC  A C6    1 
HETATM 58  P P     . G36 A 1 4  ? 2.623   0.599   -13.320 1.00 8.55  ? 4  G36 A P     1 
HETATM 59  O O1P   . G36 A 1 4  ? 3.100   -0.553  -14.223 1.00 8.57  ? 4  G36 A O1P   1 
HETATM 60  O O2P   . G36 A 1 4  ? 2.229   0.172   -11.945 1.00 8.46  ? 4  G36 A O2P   1 
HETATM 61  O "O5'" . G36 A 1 4  ? 3.763   1.696   -13.310 1.00 8.29  ? 4  G36 A "O5'" 1 
HETATM 62  C "C5'" . G36 A 1 4  ? 4.506   2.257   -12.318 1.00 8.20  ? 4  G36 A "C5'" 1 
HETATM 63  C "C4'" . G36 A 1 4  ? 4.038   2.342   -10.926 1.00 8.20  ? 4  G36 A "C4'" 1 
HETATM 64  O "O4'" . G36 A 1 4  ? 2.573   2.544   -10.873 1.00 8.19  ? 4  G36 A "O4'" 1 
HETATM 65  C "C3'" . G36 A 1 4  ? 4.297   1.169   -9.989  1.00 8.21  ? 4  G36 A "C3'" 1 
HETATM 66  O "O3'" . G36 A 1 4  ? 5.163   1.478   -8.858  1.00 8.24  ? 4  G36 A "O3'" 1 
HETATM 67  C "C2'" . G36 A 1 4  ? 2.909   0.812   -9.438  1.00 8.17  ? 4  G36 A "C2'" 1 
HETATM 68  C CM2   . G36 A 1 4  ? -3.992  2.090   -8.769  1.00 8.10  ? 4  G36 A CM2   1 
HETATM 69  C "C1'" . G36 A 1 4  ? 2.293   2.201   -9.477  1.00 8.15  ? 4  G36 A "C1'" 1 
HETATM 70  N N9    . G36 A 1 4  ? 0.904   2.201   -9.048  1.00 8.09  ? 4  G36 A N9    1 
HETATM 71  C C8    . G36 A 1 4  ? -0.113  1.311   -9.297  1.00 8.08  ? 4  G36 A C8    1 
HETATM 72  N N7    . G36 A 1 4  ? -1.244  1.631   -8.729  1.00 8.03  ? 4  G36 A N7    1 
HETATM 73  C C5    . G36 A 1 4  ? -0.962  2.799   -8.049  1.00 8.03  ? 4  G36 A C5    1 
HETATM 74  C C6    . G36 A 1 4  ? -1.758  3.626   -7.229  1.00 8.03  ? 4  G36 A C6    1 
HETATM 75  O O6    . G36 A 1 4  ? -3.079  3.350   -6.986  1.00 8.07  ? 4  G36 A O6    1 
HETATM 76  N N1    . G36 A 1 4  ? -1.141  4.713   -6.728  1.00 8.01  ? 4  G36 A N1    1 
HETATM 77  C C2    . G36 A 1 4  ? 0.163   5.014   -6.995  1.00 8.02  ? 4  G36 A C2    1 
HETATM 78  N N2    . G36 A 1 4  ? 0.627   6.147   -6.421  1.00 8.00  ? 4  G36 A N2    1 
HETATM 79  C C1M   . G36 A 1 4  ? -3.936  3.495   -8.095  1.00 8.10  ? 4  G36 A C1M   1 
HETATM 80  N N3    . G36 A 1 4  ? 0.962   4.272   -7.727  1.00 8.03  ? 4  G36 A N3    1 
HETATM 81  C C4    . G36 A 1 4  ? 0.340   3.173   -8.222  1.00 8.06  ? 4  G36 A C4    1 
ATOM   82  P P     . DA  A 1 5  ? 6.755   1.564   -9.220  1.00 9.27  ? 5  DA  A P     1 
ATOM   83  O OP1   . DA  A 1 5  ? 6.796   1.775   -10.742 1.00 9.16  ? 5  DA  A OP1   1 
ATOM   84  O OP2   . DA  A 1 5  ? 7.275   0.220   -8.886  1.00 9.04  ? 5  DA  A OP2   1 
ATOM   85  O "O5'" . DA  A 1 5  ? 7.323   2.782   -8.451  1.00 8.49  ? 5  DA  A "O5'" 1 
ATOM   86  C "C5'" . DA  A 1 5  ? 7.829   2.717   -7.125  1.00 8.53  ? 5  DA  A "C5'" 1 
ATOM   87  C "C4'" . DA  A 1 5  ? 7.350   4.008   -6.431  1.00 8.51  ? 5  DA  A "C4'" 1 
ATOM   88  O "O4'" . DA  A 1 5  ? 5.964   4.180   -6.680  1.00 8.58  ? 5  DA  A "O4'" 1 
ATOM   89  C "C3'" . DA  A 1 5  ? 7.555   3.973   -4.951  1.00 8.49  ? 5  DA  A "C3'" 1 
ATOM   90  O "O3'" . DA  A 1 5  ? 8.047   5.184   -4.345  1.00 8.38  ? 5  DA  A "O3'" 1 
ATOM   91  C "C2'" . DA  A 1 5  ? 6.177   3.709   -4.382  1.00 8.55  ? 5  DA  A "C2'" 1 
ATOM   92  C "C1'" . DA  A 1 5  ? 5.261   4.273   -5.407  1.00 8.62  ? 5  DA  A "C1'" 1 
ATOM   93  N N9    . DA  A 1 5  ? 4.012   3.512   -5.447  1.00 8.69  ? 5  DA  A N9    1 
ATOM   94  C C8    . DA  A 1 5  ? 3.725   2.433   -6.253  1.00 8.74  ? 5  DA  A C8    1 
ATOM   95  N N7    . DA  A 1 5  ? 2.498   1.967   -6.101  1.00 8.75  ? 5  DA  A N7    1 
ATOM   96  C C5    . DA  A 1 5  ? 1.956   2.811   -5.132  1.00 8.77  ? 5  DA  A C5    1 
ATOM   97  C C6    . DA  A 1 5  ? 0.647   2.837   -4.559  1.00 8.77  ? 5  DA  A C6    1 
ATOM   98  N N6    . DA  A 1 5  ? -0.277  1.991   -4.909  1.00 8.79  ? 5  DA  A N6    1 
ATOM   99  N N1    . DA  A 1 5  ? 0.443   3.798   -3.612  1.00 8.80  ? 5  DA  A N1    1 
ATOM   100 C C2    . DA  A 1 5  ? 1.454   4.676   -3.286  1.00 8.83  ? 5  DA  A C2    1 
ATOM   101 N N3    . DA  A 1 5  ? 2.703   4.717   -3.790  1.00 8.78  ? 5  DA  A N3    1 
ATOM   102 C C4    . DA  A 1 5  ? 2.879   3.746   -4.712  1.00 8.74  ? 5  DA  A C4    1 
ATOM   103 P P     . DA  A 1 6  ? 9.258   4.942   -3.286  1.00 7.73  ? 6  DA  A P     1 
ATOM   104 O OP1   . DA  A 1 6  ? 10.483  5.625   -3.875  1.00 8.34  ? 6  DA  A OP1   1 
ATOM   105 O OP2   . DA  A 1 6  ? 9.432   3.464   -3.342  1.00 7.70  ? 6  DA  A OP2   1 
ATOM   106 O "O5'" . DA  A 1 6  ? 8.813   5.617   -1.972  1.00 7.39  ? 6  DA  A "O5'" 1 
ATOM   107 C "C5'" . DA  A 1 6  ? 8.114   6.853   -1.859  1.00 7.29  ? 6  DA  A "C5'" 1 
ATOM   108 C "C4'" . DA  A 1 6  ? 6.859   6.614   -1.060  1.00 7.31  ? 6  DA  A "C4'" 1 
ATOM   109 O "O4'" . DA  A 1 6  ? 5.974   5.772   -1.780  1.00 7.30  ? 6  DA  A "O4'" 1 
ATOM   110 C "C3'" . DA  A 1 6  ? 7.099   5.966   0.348   1.00 7.31  ? 6  DA  A "C3'" 1 
ATOM   111 O "O3'" . DA  A 1 6  ? 6.885   6.902   1.377   1.00 7.32  ? 6  DA  A "O3'" 1 
ATOM   112 C "C2'" . DA  A 1 6  ? 6.182   4.792   0.373   1.00 7.26  ? 6  DA  A "C2'" 1 
ATOM   113 C "C1'" . DA  A 1 6  ? 5.259   4.988   -0.770  1.00 7.30  ? 6  DA  A "C1'" 1 
ATOM   114 N N9    . DA  A 1 6  ? 4.858   3.670   -1.281  1.00 7.31  ? 6  DA  A N9    1 
ATOM   115 C C8    . DA  A 1 6  ? 5.613   2.680   -1.823  1.00 7.31  ? 6  DA  A C8    1 
ATOM   116 N N7    . DA  A 1 6  ? 4.905   1.608   -2.185  1.00 7.34  ? 6  DA  A N7    1 
ATOM   117 C C5    . DA  A 1 6  ? 3.603   1.933   -1.802  1.00 7.36  ? 6  DA  A C5    1 
ATOM   118 C C6    . DA  A 1 6  ? 2.410   1.204   -1.879  1.00 7.35  ? 6  DA  A C6    1 
ATOM   119 N N6    . DA  A 1 6  ? 2.213   0.033   -2.407  1.00 7.45  ? 6  DA  A N6    1 
ATOM   120 N N1    . DA  A 1 6  ? 1.288   1.878   -1.405  1.00 7.40  ? 6  DA  A N1    1 
ATOM   121 C C2    . DA  A 1 6  ? 1.389   3.114   -0.868  1.00 7.37  ? 6  DA  A C2    1 
ATOM   122 N N3    . DA  A 1 6  ? 2.512   3.830   -0.754  1.00 7.34  ? 6  DA  A N3    1 
ATOM   123 C C4    . DA  A 1 6  ? 3.566   3.196   -1.253  1.00 7.31  ? 6  DA  A C4    1 
ATOM   124 P P     . DT  A 1 7  ? 6.297   6.832   2.809   1.00 7.28  ? 7  DT  A P     1 
ATOM   125 O OP1   . DT  A 1 7  ? 6.591   8.171   3.596   1.00 7.49  ? 7  DT  A OP1   1 
ATOM   126 O OP2   . DT  A 1 7  ? 7.185   5.823   3.521   1.00 6.99  ? 7  DT  A OP2   1 
ATOM   127 O "O5'" . DT  A 1 7  ? 4.752   6.653   2.719   1.00 6.35  ? 7  DT  A "O5'" 1 
ATOM   128 C "C5'" . DT  A 1 7  ? 4.048   5.494   2.338   1.00 6.26  ? 7  DT  A "C5'" 1 
ATOM   129 C "C4'" . DT  A 1 7  ? 3.013   5.115   3.389   1.00 6.21  ? 7  DT  A "C4'" 1 
ATOM   130 O "O4'" . DT  A 1 7  ? 2.242   4.018   2.967   1.00 6.15  ? 7  DT  A "O4'" 1 
ATOM   131 C "C3'" . DT  A 1 7  ? 3.606   4.676   4.748   1.00 6.21  ? 7  DT  A "C3'" 1 
ATOM   132 O "O3'" . DT  A 1 7  ? 2.758   4.908   5.791   1.00 6.20  ? 7  DT  A "O3'" 1 
ATOM   133 C "C2'" . DT  A 1 7  ? 3.909   3.185   4.418   1.00 6.20  ? 7  DT  A "C2'" 1 
ATOM   134 C "C1'" . DT  A 1 7  ? 2.716   2.800   3.573   1.00 6.23  ? 7  DT  A "C1'" 1 
ATOM   135 N N1    . DT  A 1 7  ? 3.040   1.768   2.582   1.00 6.22  ? 7  DT  A N1    1 
ATOM   136 C C2    . DT  A 1 7  ? 2.015   0.871   2.303   1.00 6.25  ? 7  DT  A C2    1 
ATOM   137 O O2    . DT  A 1 7  ? 0.916   0.964   2.861   1.00 6.33  ? 7  DT  A O2    1 
ATOM   138 N N3    . DT  A 1 7  ? 2.252   -0.081  1.392   1.00 6.26  ? 7  DT  A N3    1 
ATOM   139 C C4    . DT  A 1 7  ? 3.409   -0.249  0.745   1.00 6.23  ? 7  DT  A C4    1 
ATOM   140 O O4    . DT  A 1 7  ? 3.483   -1.192  -0.118  1.00 6.26  ? 7  DT  A O4    1 
ATOM   141 C C5    . DT  A 1 7  ? 4.464   0.638   1.048   1.00 6.21  ? 7  DT  A C5    1 
ATOM   142 C C7    . DT  A 1 7  ? 5.771   0.501   0.336   1.00 6.26  ? 7  DT  A C7    1 
ATOM   143 C C6    . DT  A 1 7  ? 4.229   1.606   1.949   1.00 6.24  ? 7  DT  A C6    1 
ATOM   144 P P     . DT  A 1 8  ? 2.341   4.603   7.201   1.00 5.89  ? 8  DT  A P     1 
ATOM   145 O OP1   . DT  A 1 8  ? 2.192   5.894   8.043   1.00 5.97  ? 8  DT  A OP1   1 
ATOM   146 O OP2   . DT  A 1 8  ? 3.364   3.742   7.857   1.00 5.67  ? 8  DT  A OP2   1 
ATOM   147 O "O5'" . DT  A 1 8  ? 0.919   3.842   7.146   1.00 6.34  ? 8  DT  A "O5'" 1 
ATOM   148 C "C5'" . DT  A 1 8  ? 0.705   2.695   6.284   1.00 6.32  ? 8  DT  A "C5'" 1 
ATOM   149 C "C4'" . DT  A 1 8  ? -0.691  2.195   6.627   1.00 6.39  ? 8  DT  A "C4'" 1 
ATOM   150 O "O4'" . DT  A 1 8  ? -1.059  1.133   5.748   1.00 6.38  ? 8  DT  A "O4'" 1 
ATOM   151 C "C3'" . DT  A 1 8  ? -0.808  1.566   8.004   1.00 6.39  ? 8  DT  A "C3'" 1 
ATOM   152 O "O3'" . DT  A 1 8  ? -2.115  1.277   8.513   1.00 6.44  ? 8  DT  A "O3'" 1 
ATOM   153 C "C2'" . DT  A 1 8  ? -0.071  0.234   7.754   1.00 6.39  ? 8  DT  A "C2'" 1 
ATOM   154 C "C1'" . DT  A 1 8  ? -0.509  -0.081  6.339   1.00 6.38  ? 8  DT  A "C1'" 1 
ATOM   155 N N1    . DT  A 1 8  ? 0.653   -0.570  5.591   1.00 6.39  ? 8  DT  A N1    1 
ATOM   156 C C2    . DT  A 1 8  ? 0.388   -1.652  4.745   1.00 6.41  ? 8  DT  A C2    1 
ATOM   157 O O2    . DT  A 1 8  ? -0.721  -2.165  4.631   1.00 6.33  ? 8  DT  A O2    1 
ATOM   158 N N3    . DT  A 1 8  ? 1.438   -2.112  4.035   1.00 6.43  ? 8  DT  A N3    1 
ATOM   159 C C4    . DT  A 1 8  ? 2.686   -1.632  4.069   1.00 6.35  ? 8  DT  A C4    1 
ATOM   160 O O4    . DT  A 1 8  ? 3.495   -2.250  3.317   1.00 6.39  ? 8  DT  A O4    1 
ATOM   161 C C5    . DT  A 1 8  ? 2.932   -0.530  4.936   1.00 6.35  ? 8  DT  A C5    1 
ATOM   162 C C7    . DT  A 1 8  ? 4.293   0.059   5.050   1.00 6.36  ? 8  DT  A C7    1 
ATOM   163 C C6    . DT  A 1 8  ? 1.915   -0.044  5.660   1.00 6.35  ? 8  DT  A C6    1 
ATOM   164 P P     . DC  A 1 9  ? -2.285  1.272   10.120  1.00 6.70  ? 9  DC  A P     1 
ATOM   165 O OP1   . DC  A 1 9  ? -2.564  2.700   10.565  1.00 6.92  ? 9  DC  A OP1   1 
ATOM   166 O OP2   . DC  A 1 9  ? -1.054  0.731   10.660  1.00 6.93  ? 9  DC  A OP2   1 
ATOM   167 O "O5'" . DC  A 1 9  ? -3.577  0.392   10.357  1.00 7.32  ? 9  DC  A "O5'" 1 
ATOM   168 C "C5'" . DC  A 1 9  ? -4.534  0.352   9.237   1.00 7.42  ? 9  DC  A "C5'" 1 
ATOM   169 C "C4'" . DC  A 1 9  ? -4.311  -1.006  8.718   1.00 7.46  ? 9  DC  A "C4'" 1 
ATOM   170 O "O4'" . DC  A 1 9  ? -2.895  -1.313  8.578   1.00 7.48  ? 9  DC  A "O4'" 1 
ATOM   171 C "C3'" . DC  A 1 9  ? -4.725  -2.170  9.641   1.00 7.46  ? 9  DC  A "C3'" 1 
ATOM   172 O "O3'" . DC  A 1 9  ? -6.149  -2.257  9.706   1.00 7.48  ? 9  DC  A "O3'" 1 
ATOM   173 C "C2'" . DC  A 1 9  ? -4.026  -3.343  8.971   1.00 7.45  ? 9  DC  A "C2'" 1 
ATOM   174 C "C1'" . DC  A 1 9  ? -3.084  -2.697  8.021   1.00 7.50  ? 9  DC  A "C1'" 1 
ATOM   175 N N1    . DC  A 1 9  ? -1.798  -3.335  7.891   1.00 7.54  ? 9  DC  A N1    1 
ATOM   176 C C2    . DC  A 1 9  ? -1.759  -4.511  7.125   1.00 7.55  ? 9  DC  A C2    1 
ATOM   177 O O2    . DC  A 1 9  ? -2.792  -4.959  6.653   1.00 7.49  ? 9  DC  A O2    1 
ATOM   178 N N3    . DC  A 1 9  ? -0.547  -5.115  6.993   1.00 7.55  ? 9  DC  A N3    1 
ATOM   179 C C4    . DC  A 1 9  ? 0.593   -4.592  7.534   1.00 7.58  ? 9  DC  A C4    1 
ATOM   180 N N4    . DC  A 1 9  ? 1.742   -5.232  7.321   1.00 7.61  ? 9  DC  A N4    1 
ATOM   181 C C5    . DC  A 1 9  ? 0.559   -3.393  8.287   1.00 7.55  ? 9  DC  A C5    1 
ATOM   182 C C6    . DC  A 1 9  ? -0.648  -2.824  8.441   1.00 7.55  ? 9  DC  A C6    1 
ATOM   183 P P     . DG  A 1 10 ? -6.860  -3.473  10.454  1.00 7.92  ? 10 DG  A P     1 
ATOM   184 O OP1   . DG  A 1 10 ? -8.314  -3.564  9.912   1.00 7.13  ? 10 DG  A OP1   1 
ATOM   185 O OP2   . DG  A 1 10 ? -6.791  -3.146  11.891  1.00 7.62  ? 10 DG  A OP2   1 
ATOM   186 O "O5'" . DG  A 1 10 ? -6.050  -4.793  10.053  1.00 6.72  ? 10 DG  A "O5'" 1 
ATOM   187 C "C5'" . DG  A 1 10 ? -6.751  -5.777  9.217   1.00 6.55  ? 10 DG  A "C5'" 1 
ATOM   188 C "C4'" . DG  A 1 10 ? -6.167  -7.132  9.639   1.00 6.48  ? 10 DG  A "C4'" 1 
ATOM   189 O "O4'" . DG  A 1 10 ? -4.789  -7.148  9.242   1.00 6.41  ? 10 DG  A "O4'" 1 
ATOM   190 C "C3'" . DG  A 1 10 ? -6.246  -7.427  11.120  1.00 6.45  ? 10 DG  A "C3'" 1 
ATOM   191 O "O3'" . DG  A 1 10 ? -6.488  -8.756  11.567  1.00 6.34  ? 10 DG  A "O3'" 1 
ATOM   192 C "C2'" . DG  A 1 10 ? -4.817  -6.968  11.557  1.00 6.43  ? 10 DG  A "C2'" 1 
ATOM   193 C "C1'" . DG  A 1 10 ? -4.010  -7.547  10.365  1.00 6.46  ? 10 DG  A "C1'" 1 
ATOM   194 N N9    . DG  A 1 10 ? -2.651  -7.031  10.416  1.00 6.45  ? 10 DG  A N9    1 
ATOM   195 C C8    . DG  A 1 10 ? -2.171  -6.049  11.281  1.00 6.44  ? 10 DG  A C8    1 
ATOM   196 N N7    . DG  A 1 10 ? -0.907  -5.803  11.161  1.00 6.47  ? 10 DG  A N7    1 
ATOM   197 C C5    . DG  A 1 10 ? -0.498  -6.680  10.154  1.00 6.49  ? 10 DG  A C5    1 
ATOM   198 C C6    . DG  A 1 10 ? 0.779   -6.874  9.577   1.00 6.53  ? 10 DG  A C6    1 
ATOM   199 O O6    . DG  A 1 10 ? 1.810   -6.237  9.865   1.00 6.57  ? 10 DG  A O6    1 
ATOM   200 N N1    . DG  A 1 10 ? 0.834   -7.847  8.616   1.00 6.55  ? 10 DG  A N1    1 
ATOM   201 C C2    . DG  A 1 10 ? -0.297  -8.534  8.256   1.00 6.54  ? 10 DG  A C2    1 
ATOM   202 N N2    . DG  A 1 10 ? -0.055  -9.474  7.297   1.00 6.59  ? 10 DG  A N2    1 
ATOM   203 N N3    . DG  A 1 10 ? -1.537  -8.394  8.745   1.00 6.53  ? 10 DG  A N3    1 
ATOM   204 C C4    . DG  A 1 10 ? -1.559  -7.438  9.702   1.00 6.50  ? 10 DG  A C4    1 
ATOM   205 P P     . DC  A 1 11 ? -7.084  -9.989  10.819  1.00 6.28  ? 11 DC  A P     1 
ATOM   206 O OP1   . DC  A 1 11 ? -8.262  -9.712  9.918   1.00 5.74  ? 11 DC  A OP1   1 
ATOM   207 O OP2   . DC  A 1 11 ? -7.548  -10.957 11.929  1.00 6.39  ? 11 DC  A OP2   1 
ATOM   208 O "O5'" . DC  A 1 11 ? -5.843  -10.660 9.994   1.00 5.30  ? 11 DC  A "O5'" 1 
ATOM   209 C "C5'" . DC  A 1 11 ? -6.081  -10.993 8.607   1.00 5.20  ? 11 DC  A "C5'" 1 
ATOM   210 C "C4'" . DC  A 1 11 ? -5.337  -12.220 8.182   1.00 5.14  ? 11 DC  A "C4'" 1 
ATOM   211 O "O4'" . DC  A 1 11 ? -3.945  -12.034 8.381   1.00 5.07  ? 11 DC  A "O4'" 1 
ATOM   212 C "C3'" . DC  A 1 11 ? -5.643  -13.505 8.969   1.00 5.19  ? 11 DC  A "C3'" 1 
ATOM   213 O "O3'" . DC  A 1 11 ? -5.338  -14.685 8.297   1.00 5.32  ? 11 DC  A "O3'" 1 
ATOM   214 C "C2'" . DC  A 1 11 ? -4.780  -13.251 10.231  1.00 5.13  ? 11 DC  A "C2'" 1 
ATOM   215 C "C1'" . DC  A 1 11 ? -3.558  -12.622 9.580   1.00 5.09  ? 11 DC  A "C1'" 1 
ATOM   216 N N1    . DC  A 1 11 ? -2.929  -11.678 10.525  1.00 5.10  ? 11 DC  A N1    1 
ATOM   217 C C2    . DC  A 1 11 ? -1.528  -11.581 10.344  1.00 5.06  ? 11 DC  A C2    1 
ATOM   218 O O2    . DC  A 1 11 ? -1.054  -12.240 9.424   1.00 5.04  ? 11 DC  A O2    1 
ATOM   219 N N3    . DC  A 1 11 ? -0.834  -10.791 11.192  1.00 5.07  ? 11 DC  A N3    1 
ATOM   220 C C4    . DC  A 1 11 ? -1.443  -10.058 12.179  1.00 5.10  ? 11 DC  A C4    1 
ATOM   221 N N4    . DC  A 1 11 ? -0.727  -9.285  13.012  1.00 5.03  ? 11 DC  A N4    1 
ATOM   222 C C5    . DC  A 1 11 ? -2.872  -10.152 12.348  1.00 5.11  ? 11 DC  A C5    1 
ATOM   223 C C6    . DC  A 1 11 ? -3.535  -10.957 11.488  1.00 5.09  ? 11 DC  A C6    1 
ATOM   224 P P     . DG  A 1 12 ? -5.734  -16.188 8.563   1.00 6.53  ? 12 DG  A P     1 
ATOM   225 O OP1   . DG  A 1 12 ? -6.145  -16.948 7.326   1.00 5.94  ? 12 DG  A OP1   1 
ATOM   226 O OP2   . DG  A 1 12 ? -6.805  -16.225 9.601   1.00 5.78  ? 12 DG  A OP2   1 
ATOM   227 O "O5'" . DG  A 1 12 ? -4.321  -16.833 9.082   1.00 6.64  ? 12 DG  A "O5'" 1 
ATOM   228 C "C5'" . DG  A 1 12 ? -3.589  -17.572 8.003   1.00 6.78  ? 12 DG  A "C5'" 1 
ATOM   229 C "C4'" . DG  A 1 12 ? -2.353  -18.048 8.774   1.00 6.83  ? 12 DG  A "C4'" 1 
ATOM   230 O "O4'" . DG  A 1 12 ? -1.598  -16.902 9.094   1.00 6.87  ? 12 DG  A "O4'" 1 
ATOM   231 C "C3'" . DG  A 1 12 ? -2.681  -18.714 10.088  1.00 6.84  ? 12 DG  A "C3'" 1 
ATOM   232 O "O3'" . DG  A 1 12 ? -2.565  -20.176 9.970   1.00 6.98  ? 12 DG  A "O3'" 1 
ATOM   233 C "C2'" . DG  A 1 12 ? -1.727  -18.174 11.088  1.00 6.85  ? 12 DG  A "C2'" 1 
ATOM   234 C "C1'" . DG  A 1 12 ? -1.035  -17.020 10.389  1.00 6.84  ? 12 DG  A "C1'" 1 
ATOM   235 N N9    . DG  A 1 12 ? -1.255  -15.864 11.261  1.00 6.86  ? 12 DG  A N9    1 
ATOM   236 C C8    . DG  A 1 12 ? -2.431  -15.314 11.687  1.00 6.87  ? 12 DG  A C8    1 
ATOM   237 N N7    . DG  A 1 12 ? -2.284  -14.288 12.492  1.00 6.80  ? 12 DG  A N7    1 
ATOM   238 C C5    . DG  A 1 12 ? -0.913  -14.189 12.639  1.00 6.85  ? 12 DG  A C5    1 
ATOM   239 C C6    . DG  A 1 12 ? -0.110  -13.292 13.390  1.00 6.85  ? 12 DG  A C6    1 
ATOM   240 O O6    . DG  A 1 12 ? -0.574  -12.413 14.123  1.00 6.92  ? 12 DG  A O6    1 
ATOM   241 N N1    . DG  A 1 12 ? 1.230   -13.449 13.247  1.00 6.85  ? 12 DG  A N1    1 
ATOM   242 C C2    . DG  A 1 12 ? 1.773   -14.417 12.463  1.00 6.83  ? 12 DG  A C2    1 
ATOM   243 N N2    . DG  A 1 12 ? 3.109   -14.462 12.418  1.00 6.79  ? 12 DG  A N2    1 
ATOM   244 N N3    . DG  A 1 12 ? 1.083   -15.296 11.739  1.00 6.87  ? 12 DG  A N3    1 
ATOM   245 C C4    . DG  A 1 12 ? -0.255  -15.139 11.892  1.00 6.87  ? 12 DG  A C4    1 
ATOM   246 O "O5'" . DC  B 1 1  ? 7.872   -10.017 18.460  1.00 6.08  ? 13 DC  B "O5'" 1 
ATOM   247 C "C5'" . DC  B 1 1  ? 7.610   -9.301  17.211  1.00 6.10  ? 13 DC  B "C5'" 1 
ATOM   248 C "C4'" . DC  B 1 1  ? 8.148   -10.208 16.117  1.00 6.10  ? 13 DC  B "C4'" 1 
ATOM   249 O "O4'" . DC  B 1 1  ? 7.188   -11.241 15.896  1.00 6.10  ? 13 DC  B "O4'" 1 
ATOM   250 C "C3'" . DC  B 1 1  ? 8.356   -9.602  14.745  1.00 6.06  ? 13 DC  B "C3'" 1 
ATOM   251 O "O3'" . DC  B 1 1  ? 9.308   -10.340 13.957  1.00 6.06  ? 13 DC  B "O3'" 1 
ATOM   252 C "C2'" . DC  B 1 1  ? 6.936   -9.640  14.208  1.00 6.08  ? 13 DC  B "C2'" 1 
ATOM   253 C "C1'" . DC  B 1 1  ? 6.394   -10.977 14.800  1.00 6.11  ? 13 DC  B "C1'" 1 
ATOM   254 N N1    . DC  B 1 1  ? 4.943   -10.748 15.010  1.00 6.11  ? 13 DC  B N1    1 
ATOM   255 C C2    . DC  B 1 1  ? 4.123   -11.438 14.124  1.00 6.10  ? 13 DC  B C2    1 
ATOM   256 O O2    . DC  B 1 1  ? 4.623   -12.250 13.341  1.00 6.17  ? 13 DC  B O2    1 
ATOM   257 N N3    . DC  B 1 1  ? 2.770   -11.221 14.172  1.00 6.15  ? 13 DC  B N3    1 
ATOM   258 C C4    . DC  B 1 1  ? 2.234   -10.339 15.061  1.00 6.13  ? 13 DC  B C4    1 
ATOM   259 N N4    . DC  B 1 1  ? 0.916   -10.172 15.053  1.00 6.16  ? 13 DC  B N4    1 
ATOM   260 C C5    . DC  B 1 1  ? 3.082   -9.637  15.964  1.00 6.10  ? 13 DC  B C5    1 
ATOM   261 C C6    . DC  B 1 1  ? 4.401   -9.878  15.886  1.00 6.11  ? 13 DC  B C6    1 
ATOM   262 P P     . DG  B 1 2  ? 10.020  -9.834  12.658  1.00 6.09  ? 14 DG  B P     1 
ATOM   263 O OP1   . DG  B 1 2  ? 11.519  -9.999  12.621  1.00 5.18  ? 14 DG  B OP1   1 
ATOM   264 O OP2   . DG  B 1 2  ? 9.684   -8.319  12.640  1.00 5.41  ? 14 DG  B OP2   1 
ATOM   265 O "O5'" . DG  B 1 2  ? 9.330   -10.509 11.365  1.00 5.17  ? 14 DG  B "O5'" 1 
ATOM   266 C "C5'" . DG  B 1 2  ? 9.936   -11.620 10.693  1.00 4.97  ? 14 DG  B "C5'" 1 
ATOM   267 C "C4'" . DG  B 1 2  ? 9.026   -12.079 9.579   1.00 4.89  ? 14 DG  B "C4'" 1 
ATOM   268 O "O4'" . DG  B 1 2  ? 7.692   -12.211 9.934   1.00 4.76  ? 14 DG  B "O4'" 1 
ATOM   269 C "C3'" . DG  B 1 2  ? 9.046   -11.100 8.355   1.00 4.88  ? 14 DG  B "C3'" 1 
ATOM   270 O "O3'" . DG  B 1 2  ? 8.962   -11.814 7.147   1.00 4.98  ? 14 DG  B "O3'" 1 
ATOM   271 C "C2'" . DG  B 1 2  ? 7.862   -10.227 8.699   1.00 4.78  ? 14 DG  B "C2'" 1 
ATOM   272 C "C1'" . DG  B 1 2  ? 6.873   -11.264 9.191   1.00 4.72  ? 14 DG  B "C1'" 1 
ATOM   273 N N9    . DG  B 1 2  ? 5.917   -10.653 10.090  1.00 4.65  ? 14 DG  B N9    1 
ATOM   274 C C8    . DG  B 1 2  ? 6.243   -9.870  11.176  1.00 4.63  ? 14 DG  B C8    1 
ATOM   275 N N7    . DG  B 1 2  ? 5.192   -9.462  11.857  1.00 4.67  ? 14 DG  B N7    1 
ATOM   276 C C5    . DG  B 1 2  ? 4.107   -9.974  11.159  1.00 4.60  ? 14 DG  B C5    1 
ATOM   277 C C6    . DG  B 1 2  ? 2.713   -9.854  11.408  1.00 4.61  ? 14 DG  B C6    1 
ATOM   278 O O6    . DG  B 1 2  ? 2.155   -9.241  12.355  1.00 4.59  ? 14 DG  B O6    1 
ATOM   279 N N1    . DG  B 1 2  ? 1.949   -10.526 10.499  1.00 4.61  ? 14 DG  B N1    1 
ATOM   280 C C2    . DG  B 1 2  ? 2.499   -11.226 9.461   1.00 4.60  ? 14 DG  B C2    1 
ATOM   281 N N2    . DG  B 1 2  ? 1.595   -11.818 8.666   1.00 4.64  ? 14 DG  B N2    1 
ATOM   282 N N3    . DG  B 1 2  ? 3.799   -11.350 9.165   1.00 4.56  ? 14 DG  B N3    1 
ATOM   283 C C4    . DG  B 1 2  ? 4.536   -10.708 10.074  1.00 4.62  ? 14 DG  B C4    1 
ATOM   284 P P     . DC  B 1 3  ? 10.037  -11.726 5.931   1.00 5.83  ? 15 DC  B P     1 
ATOM   285 O OP1   . DC  B 1 3  ? 10.698  -13.047 5.559   1.00 5.85  ? 15 DC  B OP1   1 
ATOM   286 O OP2   . DC  B 1 3  ? 11.049  -10.785 6.402   1.00 5.67  ? 15 DC  B OP2   1 
ATOM   287 O "O5'" . DC  B 1 3  ? 8.954   -11.424 4.754   1.00 6.29  ? 15 DC  B "O5'" 1 
ATOM   288 C "C5'" . DC  B 1 3  ? 8.226   -12.648 4.325   1.00 6.38  ? 15 DC  B "C5'" 1 
ATOM   289 C "C4'" . DC  B 1 3  ? 6.770   -12.465 4.636   1.00 6.49  ? 15 DC  B "C4'" 1 
ATOM   290 O "O4'" . DC  B 1 3  ? 6.556   -11.598 5.762   1.00 6.53  ? 15 DC  B "O4'" 1 
ATOM   291 C "C3'" . DC  B 1 3  ? 5.923   -11.807 3.546   1.00 6.51  ? 15 DC  B "C3'" 1 
ATOM   292 O "O3'" . DC  B 1 3  ? 5.430   -12.748 2.582   1.00 6.60  ? 15 DC  B "O3'" 1 
ATOM   293 C "C2'" . DC  B 1 3  ? 4.752   -11.174 4.262   1.00 6.55  ? 15 DC  B "C2'" 1 
ATOM   294 C "C1'" . DC  B 1 3  ? 5.111   -11.255 5.673   1.00 6.58  ? 15 DC  B "C1'" 1 
ATOM   295 N N1    . DC  B 1 3  ? 4.914   -9.977  6.370   1.00 6.66  ? 15 DC  B N1    1 
ATOM   296 C C2    . DC  B 1 3  ? 3.625   -9.659  6.748   1.00 6.67  ? 15 DC  B C2    1 
ATOM   297 O O2    . DC  B 1 3  ? 2.651   -10.380 6.464   1.00 6.79  ? 15 DC  B O2    1 
ATOM   298 N N3    . DC  B 1 3  ? 3.434   -8.493  7.451   1.00 6.67  ? 15 DC  B N3    1 
ATOM   299 C C4    . DC  B 1 3  ? 4.479   -7.711  7.794   1.00 6.64  ? 15 DC  B C4    1 
ATOM   300 N N4    . DC  B 1 3  ? 4.228   -6.610  8.496   1.00 6.68  ? 15 DC  B N4    1 
ATOM   301 C C5    . DC  B 1 3  ? 5.799   -8.061  7.426   1.00 6.64  ? 15 DC  B C5    1 
ATOM   302 C C6    . DC  B 1 3  ? 5.974   -9.190  6.721   1.00 6.61  ? 15 DC  B C6    1 
HETATM 303 P P     . G36 B 1 4  ? 5.777   -12.456 1.023   1.00 7.13  ? 16 G36 B P     1 
HETATM 304 O O1P   . G36 B 1 4  ? 6.176   -13.694 0.309   1.00 6.85  ? 16 G36 B O1P   1 
HETATM 305 O O2P   . G36 B 1 4  ? 6.810   -11.411 1.083   1.00 7.24  ? 16 G36 B O2P   1 
HETATM 306 O "O5'" . G36 B 1 4  ? 4.330   -11.884 0.517   1.00 7.46  ? 16 G36 B "O5'" 1 
HETATM 307 C "C5'" . G36 B 1 4  ? 3.315   -12.884 0.307   1.00 7.60  ? 16 G36 B "C5'" 1 
HETATM 308 C "C4'" . G36 B 1 4  ? 2.008   -12.278 0.799   1.00 7.68  ? 16 G36 B "C4'" 1 
HETATM 309 O "O4'" . G36 B 1 4  ? 2.242   -11.421 1.865   1.00 7.66  ? 16 G36 B "O4'" 1 
HETATM 310 C "C3'" . G36 B 1 4  ? 1.284   -11.490 -0.300  1.00 7.74  ? 16 G36 B "C3'" 1 
HETATM 311 O "O3'" . G36 B 1 4  ? -0.073  -11.946 -0.455  1.00 7.82  ? 16 G36 B "O3'" 1 
HETATM 312 C "C2'" . G36 B 1 4  ? 1.408   -10.046 0.121   1.00 7.74  ? 16 G36 B "C2'" 1 
HETATM 313 C CM2   . G36 B 1 4  ? 5.577   -5.093  6.293   1.00 7.98  ? 16 G36 B CM2   1 
HETATM 314 C "C1'" . G36 B 1 4  ? 1.615   -10.165 1.610   1.00 7.76  ? 16 G36 B "C1'" 1 
HETATM 315 N N9    . G36 B 1 4  ? 2.461   -9.077  2.104   1.00 7.81  ? 16 G36 B N9    1 
HETATM 316 C C8    . G36 B 1 4  ? 3.726   -8.713  1.749   1.00 7.83  ? 16 G36 B C8    1 
HETATM 317 N N7    . G36 B 1 4  ? 4.203   -7.696  2.438   1.00 7.82  ? 16 G36 B N7    1 
HETATM 318 C C5    . G36 B 1 4  ? 3.176   -7.401  3.320   1.00 7.84  ? 16 G36 B C5    1 
HETATM 319 C C6    . G36 B 1 4  ? 3.065   -6.426  4.328   1.00 7.88  ? 16 G36 B C6    1 
HETATM 320 O O6    . G36 B 1 4  ? 4.025   -5.499  4.602   1.00 7.92  ? 16 G36 B O6    1 
HETATM 321 N N1    . G36 B 1 4  ? 1.889   -6.441  5.017   1.00 7.89  ? 16 G36 B N1    1 
HETATM 322 C C2    . G36 B 1 4  ? 0.906   -7.339  4.744   1.00 7.92  ? 16 G36 B C2    1 
HETATM 323 N N2    . G36 B 1 4  ? -0.204  -7.233  5.499   1.00 7.96  ? 16 G36 B N2    1 
HETATM 324 C C1M   . G36 B 1 4  ? 4.064   -5.038  5.932   1.00 7.95  ? 16 G36 B C1M   1 
HETATM 325 N N3    . G36 B 1 4  ? 0.938   -8.276  3.808   1.00 7.90  ? 16 G36 B N3    1 
HETATM 326 C C4    . G36 B 1 4  ? 2.118   -8.247  3.147   1.00 7.85  ? 16 G36 B C4    1 
ATOM   327 P P     . DA  B 1 5  ? -0.886  -11.299 -1.772  1.00 8.10  ? 17 DA  B P     1 
ATOM   328 O OP1   . DA  B 1 5  ? -1.507  -12.425 -2.535  1.00 7.82  ? 17 DA  B OP1   1 
ATOM   329 O OP2   . DA  B 1 5  ? 0.245   -10.700 -2.502  1.00 8.02  ? 17 DA  B OP2   1 
ATOM   330 O "O5'" . DA  B 1 5  ? -1.917  -10.368 -1.019  1.00 8.03  ? 17 DA  B "O5'" 1 
ATOM   331 C "C5'" . DA  B 1 5  ? -2.024  -10.457 0.419   1.00 8.14  ? 17 DA  B "C5'" 1 
ATOM   332 C "C4'" . DA  B 1 5  ? -3.319  -9.837  0.835   1.00 8.18  ? 17 DA  B "C4'" 1 
ATOM   333 O "O4'" . DA  B 1 5  ? -3.103  -8.672  1.657   1.00 8.21  ? 17 DA  B "O4'" 1 
ATOM   334 C "C3'" . DA  B 1 5  ? -4.138  -9.260  -0.294  1.00 8.23  ? 17 DA  B "C3'" 1 
ATOM   335 O "O3'" . DA  B 1 5  ? -5.465  -8.918  0.055   1.00 8.19  ? 17 DA  B "O3'" 1 
ATOM   336 C "C2'" . DA  B 1 5  ? -3.255  -8.020  -0.618  1.00 8.26  ? 17 DA  B "C2'" 1 
ATOM   337 C "C1'" . DA  B 1 5  ? -2.907  -7.556  0.812   1.00 8.31  ? 17 DA  B "C1'" 1 
ATOM   338 N N9    . DA  B 1 5  ? -1.522  -7.027  0.778   1.00 8.38  ? 17 DA  B N9    1 
ATOM   339 C C8    . DA  B 1 5  ? -0.484  -7.394  -0.032  1.00 8.39  ? 17 DA  B C8    1 
ATOM   340 N N7    . DA  B 1 5  ? 0.642   -6.725  0.194   1.00 8.43  ? 17 DA  B N7    1 
ATOM   341 C C5    . DA  B 1 5  ? 0.288   -5.859  1.236   1.00 8.39  ? 17 DA  B C5    1 
ATOM   342 C C6    . DA  B 1 5  ? 1.046   -4.887  1.933   1.00 8.39  ? 17 DA  B C6    1 
ATOM   343 N N6    . DA  B 1 5  ? 2.335   -4.587  1.683   1.00 8.30  ? 17 DA  B N6    1 
ATOM   344 N N1    . DA  B 1 5  ? 0.349   -4.242  2.909   1.00 8.34  ? 17 DA  B N1    1 
ATOM   345 C C2    . DA  B 1 5  ? -0.943  -4.500  3.187   1.00 8.40  ? 17 DA  B C2    1 
ATOM   346 N N3    . DA  B 1 5  ? -1.723  -5.414  2.594   1.00 8.41  ? 17 DA  B N3    1 
ATOM   347 C C4    . DA  B 1 5  ? -1.021  -6.048  1.613   1.00 8.39  ? 17 DA  B C4    1 
ATOM   348 P P     . DA  B 1 6  ? -6.345  -7.986  -0.922  1.00 8.89  ? 18 DA  B P     1 
ATOM   349 O OP1   . DA  B 1 6  ? -7.772  -8.504  -0.994  1.00 8.00  ? 18 DA  B OP1   1 
ATOM   350 O OP2   . DA  B 1 6  ? -5.673  -8.149  -2.258  1.00 7.63  ? 18 DA  B OP2   1 
ATOM   351 O "O5'" . DA  B 1 6  ? -6.230  -6.518  -0.320  1.00 8.28  ? 18 DA  B "O5'" 1 
ATOM   352 C "C5'" . DA  B 1 6  ? -6.861  -6.060  0.871   1.00 8.34  ? 18 DA  B "C5'" 1 
ATOM   353 C "C4'" . DA  B 1 6  ? -6.560  -4.570  1.029   1.00 8.35  ? 18 DA  B "C4'" 1 
ATOM   354 O "O4'" . DA  B 1 6  ? -5.176  -4.364  1.334   1.00 8.36  ? 18 DA  B "O4'" 1 
ATOM   355 C "C3'" . DA  B 1 6  ? -6.854  -3.719  -0.201  1.00 8.38  ? 18 DA  B "C3'" 1 
ATOM   356 O "O3'" . DA  B 1 6  ? -8.219  -3.215  -0.279  1.00 8.38  ? 18 DA  B "O3'" 1 
ATOM   357 C "C2'" . DA  B 1 6  ? -5.843  -2.599  -0.121  1.00 8.39  ? 18 DA  B "C2'" 1 
ATOM   358 C "C1'" . DA  B 1 6  ? -4.789  -3.031  0.829   1.00 8.35  ? 18 DA  B "C1'" 1 
ATOM   359 N N9    . DA  B 1 6  ? -3.461  -3.158  0.214   1.00 8.33  ? 18 DA  B N9    1 
ATOM   360 C C8    . DA  B 1 6  ? -3.058  -4.099  -0.713  1.00 8.33  ? 18 DA  B C8    1 
ATOM   361 N N7    . DA  B 1 6  ? -1.784  -4.011  -1.025  1.00 8.30  ? 18 DA  B N7    1 
ATOM   362 C C5    . DA  B 1 6  ? -1.310  -2.989  -0.248  1.00 8.25  ? 18 DA  B C5    1 
ATOM   363 C C6    . DA  B 1 6  ? -0.014  -2.442  -0.109  1.00 8.24  ? 18 DA  B C6    1 
ATOM   364 N N6    . DA  B 1 6  ? 1.060   -2.822  -0.765  1.00 8.10  ? 18 DA  B N6    1 
ATOM   365 N N1    . DA  B 1 6  ? 0.060   -1.412  0.784   1.00 8.22  ? 18 DA  B N1    1 
ATOM   366 C C2    . DA  B 1 6  ? -0.987  -0.959  1.507   1.00 8.28  ? 18 DA  B C2    1 
ATOM   367 N N3    . DA  B 1 6  ? -2.244  -1.452  1.414   1.00 8.32  ? 18 DA  B N3    1 
ATOM   368 C C4    . DA  B 1 6  ? -2.324  -2.459  0.528   1.00 8.30  ? 18 DA  B C4    1 
ATOM   369 P P     . DT  B 1 7  ? -8.768  -2.339  0.974   1.00 9.01  ? 19 DT  B P     1 
ATOM   370 O OP1   . DT  B 1 7  ? -8.438  -3.126  2.265   1.00 9.07  ? 19 DT  B OP1   1 
ATOM   371 O OP2   . DT  B 1 7  ? -10.179 -2.173  0.797   1.00 8.34  ? 19 DT  B OP2   1 
ATOM   372 O "O5'" . DT  B 1 7  ? -7.759  -1.094  0.962   1.00 8.89  ? 19 DT  B "O5'" 1 
ATOM   373 C "C5'" . DT  B 1 7  ? -6.861  -1.038  2.093   1.00 8.97  ? 19 DT  B "C5'" 1 
ATOM   374 C "C4'" . DT  B 1 7  ? -6.113  0.262   2.117   1.00 8.97  ? 19 DT  B "C4'" 1 
ATOM   375 O "O4'" . DT  B 1 7  ? -4.781  0.047   1.638   1.00 8.95  ? 19 DT  B "O4'" 1 
ATOM   376 C "C3'" . DT  B 1 7  ? -6.730  1.401   1.317   1.00 9.00  ? 19 DT  B "C3'" 1 
ATOM   377 O "O3'" . DT  B 1 7  ? -7.128  2.421   2.233   1.00 9.07  ? 19 DT  B "O3'" 1 
ATOM   378 C "C2'" . DT  B 1 7  ? -5.639  1.759   0.313   1.00 8.98  ? 19 DT  B "C2'" 1 
ATOM   379 C "C1'" . DT  B 1 7  ? -4.368  1.099   0.844   1.00 8.92  ? 19 DT  B "C1'" 1 
ATOM   380 N N1    . DT  B 1 7  ? -3.463  0.690   -0.260  1.00 8.85  ? 19 DT  B N1    1 
ATOM   381 C C2    . DT  B 1 7  ? -2.279  1.431   -0.304  1.00 8.84  ? 19 DT  B C2    1 
ATOM   382 O O2    . DT  B 1 7  ? -2.082  2.295   0.538   1.00 8.86  ? 19 DT  B O2    1 
ATOM   383 N N3    . DT  B 1 7  ? -1.362  1.145   -1.275  1.00 8.76  ? 19 DT  B N3    1 
ATOM   384 C C4    . DT  B 1 7  ? -1.600  0.194   -2.213  1.00 8.81  ? 19 DT  B C4    1 
ATOM   385 O O4    . DT  B 1 7  ? -0.690  0.003   -3.065  1.00 8.76  ? 19 DT  B O4    1 
ATOM   386 C C5    . DT  B 1 7  ? -2.827  -0.544  -2.152  1.00 8.81  ? 19 DT  B C5    1 
ATOM   387 C C7    . DT  B 1 7  ? -3.065  -1.638  -3.162  1.00 8.83  ? 19 DT  B C7    1 
ATOM   388 C C6    . DT  B 1 7  ? -3.684  -0.266  -1.171  1.00 8.84  ? 19 DT  B C6    1 
ATOM   389 P P     . DT  B 1 8  ? -7.722  3.814   2.048   1.00 9.51  ? 20 DT  B P     1 
ATOM   390 O OP1   . DT  B 1 8  ? -7.563  4.766   3.234   1.00 9.49  ? 20 DT  B OP1   1 
ATOM   391 O OP2   . DT  B 1 8  ? -9.214  3.661   1.790   1.00 9.84  ? 20 DT  B OP2   1 
ATOM   392 O "O5'" . DT  B 1 8  ? -7.003  4.477   0.756   1.00 9.76  ? 20 DT  B "O5'" 1 
ATOM   393 C "C5'" . DT  B 1 8  ? -6.952  5.931   0.734   1.00 9.68  ? 20 DT  B "C5'" 1 
ATOM   394 C "C4'" . DT  B 1 8  ? -5.685  6.294   1.511   1.00 9.71  ? 20 DT  B "C4'" 1 
ATOM   395 O "O4'" . DT  B 1 8  ? -4.644  5.385   1.238   1.00 9.66  ? 20 DT  B "O4'" 1 
ATOM   396 C "C3'" . DT  B 1 8  ? -5.169  7.667   1.073   1.00 9.71  ? 20 DT  B "C3'" 1 
ATOM   397 O "O3'" . DT  B 1 8  ? -4.313  8.333   2.038   1.00 9.73  ? 20 DT  B "O3'" 1 
ATOM   398 C "C2'" . DT  B 1 8  ? -4.445  7.300   -0.216  1.00 9.65  ? 20 DT  B "C2'" 1 
ATOM   399 C "C1'" . DT  B 1 8  ? -3.819  6.009   0.173   1.00 9.65  ? 20 DT  B "C1'" 1 
ATOM   400 N N1    . DT  B 1 8  ? -3.664  5.096   -0.952  1.00 9.61  ? 20 DT  B N1    1 
ATOM   401 C C2    . DT  B 1 8  ? -2.388  5.061   -1.520  1.00 9.61  ? 20 DT  B C2    1 
ATOM   402 O O2    . DT  B 1 8  ? -1.519  5.816   -1.108  1.00 9.62  ? 20 DT  B O2    1 
ATOM   403 N N3    . DT  B 1 8  ? -2.151  4.182   -2.553  1.00 9.58  ? 20 DT  B N3    1 
ATOM   404 C C4    . DT  B 1 8  ? -3.115  3.328   -2.989  1.00 9.61  ? 20 DT  B C4    1 
ATOM   405 O O4    . DT  B 1 8  ? -2.820  2.542   -3.939  1.00 9.60  ? 20 DT  B O4    1 
ATOM   406 C C5    . DT  B 1 8  ? -4.408  3.361   -2.385  1.00 9.61  ? 20 DT  B C5    1 
ATOM   407 C C7    . DT  B 1 8  ? -5.493  2.429   -2.877  1.00 9.60  ? 20 DT  B C7    1 
ATOM   408 C C6    . DT  B 1 8  ? -4.620  4.234   -1.387  1.00 9.61  ? 20 DT  B C6    1 
ATOM   409 P P     . DC  B 1 9  ? -4.042  9.927   1.612   1.00 9.80  ? 21 DC  B P     1 
ATOM   410 O OP1   . DC  B 1 9  ? -3.573  10.725  2.757   1.00 9.57  ? 21 DC  B OP1   1 
ATOM   411 O OP2   . DC  B 1 9  ? -5.463  10.275  1.202   1.00 9.42  ? 21 DC  B OP2   1 
ATOM   412 O "O5'" . DC  B 1 9  ? -2.993  9.744   0.460   1.00 9.76  ? 21 DC  B "O5'" 1 
ATOM   413 C "C5'" . DC  B 1 9  ? -1.817  8.997   0.497   1.00 9.85  ? 21 DC  B "C5'" 1 
ATOM   414 C "C4'" . DC  B 1 9  ? -0.732  9.684   -0.314  1.00 9.90  ? 21 DC  B "C4'" 1 
ATOM   415 O "O4'" . DC  B 1 9  ? -0.387  8.855   -1.409  1.00 9.89  ? 21 DC  B "O4'" 1 
ATOM   416 C "C3'" . DC  B 1 9  ? -1.077  11.039  -0.928  1.00 9.97  ? 21 DC  B "C3'" 1 
ATOM   417 O "O3'" . DC  B 1 9  ? 0.026   11.899  -1.114  1.00 10.05 ? 21 DC  B "O3'" 1 
ATOM   418 C "C2'" . DC  B 1 9  ? -1.685  10.616  -2.268  1.00 9.97  ? 21 DC  B "C2'" 1 
ATOM   419 C "C1'" . DC  B 1 9  ? -0.814  9.428   -2.630  1.00 9.99  ? 21 DC  B "C1'" 1 
ATOM   420 N N1    . DC  B 1 9  ? -1.634  8.480   -3.400  1.00 10.04 ? 21 DC  B N1    1 
ATOM   421 C C2    . DC  B 1 9  ? -1.105  7.942   -4.554  1.00 10.08 ? 21 DC  B C2    1 
ATOM   422 O O2    . DC  B 1 9  ? 0.019   8.247   -4.957  1.00 10.12 ? 21 DC  B O2    1 
ATOM   423 N N3    . DC  B 1 9  ? -1.872  7.052   -5.252  1.00 10.12 ? 21 DC  B N3    1 
ATOM   424 C C4    . DC  B 1 9  ? -3.127  6.708   -4.841  1.00 10.15 ? 21 DC  B C4    1 
ATOM   425 N N4    . DC  B 1 9  ? -3.849  5.834   -5.542  1.00 10.18 ? 21 DC  B N4    1 
ATOM   426 C C5    . DC  B 1 9  ? -3.656  7.265   -3.645  1.00 10.13 ? 21 DC  B C5    1 
ATOM   427 C C6    . DC  B 1 9  ? -2.877  8.128   -2.977  1.00 10.12 ? 21 DC  B C6    1 
ATOM   428 P P     . DG  B 1 10 ? 0.039   13.376  -1.671  1.00 11.12 ? 22 DG  B P     1 
ATOM   429 O OP1   . DG  B 1 10 ? 0.637   14.301  -0.618  1.00 10.54 ? 22 DG  B OP1   1 
ATOM   430 O OP2   . DG  B 1 10 ? -1.406  13.711  -1.955  1.00 10.99 ? 22 DG  B OP2   1 
ATOM   431 O "O5'" . DG  B 1 10 ? 0.892   13.355  -3.005  1.00 11.05 ? 22 DG  B "O5'" 1 
ATOM   432 C "C5'" . DG  B 1 10 ? 1.440   12.103  -3.496  1.00 11.17 ? 22 DG  B "C5'" 1 
ATOM   433 C "C4'" . DG  B 1 10 ? 2.072   12.413  -4.819  1.00 11.17 ? 22 DG  B "C4'" 1 
ATOM   434 O "O4'" . DG  B 1 10 ? 1.649   11.506  -5.846  1.00 11.19 ? 22 DG  B "O4'" 1 
ATOM   435 C "C3'" . DG  B 1 10 ? 1.626   13.754  -5.434  1.00 11.18 ? 22 DG  B "C3'" 1 
ATOM   436 O "O3'" . DG  B 1 10 ? 2.371   14.016  -6.600  1.00 11.17 ? 22 DG  B "O3'" 1 
ATOM   437 C "C2'" . DG  B 1 10 ? 0.175   13.368  -5.740  1.00 11.18 ? 22 DG  B "C2'" 1 
ATOM   438 C "C1'" . DG  B 1 10 ? 0.530   12.087  -6.551  1.00 11.16 ? 22 DG  B "C1'" 1 
ATOM   439 N N9    . DG  B 1 10 ? -0.654  11.250  -6.670  1.00 11.08 ? 22 DG  B N9    1 
ATOM   440 C C8    . DG  B 1 10 ? -1.887  11.456  -6.115  1.00 11.10 ? 22 DG  B C8    1 
ATOM   441 N N7    . DG  B 1 10 ? -2.769  10.556  -6.449  1.00 11.11 ? 22 DG  B N7    1 
ATOM   442 C C5    . DG  B 1 10 ? -2.090  9.701   -7.308  1.00 11.07 ? 22 DG  B C5    1 
ATOM   443 C C6    . DG  B 1 10 ? -2.503  8.517   -7.974  1.00 11.06 ? 22 DG  B C6    1 
ATOM   444 O O6    . DG  B 1 10 ? -3.610  7.974   -7.937  1.00 10.99 ? 22 DG  B O6    1 
ATOM   445 N N1    . DG  B 1 10 ? -1.554  7.946   -8.775  1.00 11.04 ? 22 DG  B N1    1 
ATOM   446 C C2    . DG  B 1 10 ? -0.293  8.481   -8.871  1.00 11.06 ? 22 DG  B C2    1 
ATOM   447 N N2    . DG  B 1 10 ? 0.553   7.800   -9.671  1.00 11.05 ? 22 DG  B N2    1 
ATOM   448 N N3    . DG  B 1 10 ? 0.145   9.568   -8.233  1.00 11.06 ? 22 DG  B N3    1 
ATOM   449 C C4    . DG  B 1 10 ? -0.792  10.131  -7.468  1.00 11.06 ? 22 DG  B C4    1 
ATOM   450 P P     . DC  B 1 11 ? 3.425   15.239  -6.537  1.00 11.78 ? 23 DC  B P     1 
ATOM   451 O OP1   . DC  B 1 11 ? 4.278   15.078  -5.314  1.00 11.34 ? 23 DC  B OP1   1 
ATOM   452 O OP2   . DC  B 1 11 ? 2.562   16.450  -6.456  1.00 11.28 ? 23 DC  B OP2   1 
ATOM   453 O "O5'" . DC  B 1 11 ? 4.212   15.046  -7.904  1.00 11.35 ? 23 DC  B "O5'" 1 
ATOM   454 C "C5'" . DC  B 1 11 ? 5.079   13.913  -8.048  1.00 11.32 ? 23 DC  B "C5'" 1 
ATOM   455 C "C4'" . DC  B 1 11 ? 4.870   13.254  -9.387  1.00 11.31 ? 23 DC  B "C4'" 1 
ATOM   456 O "O4'" . DC  B 1 11 ? 3.751   12.355  -9.249  1.00 11.29 ? 23 DC  B "O4'" 1 
ATOM   457 C "C3'" . DC  B 1 11 ? 4.562   14.103  -10.612 1.00 11.26 ? 23 DC  B "C3'" 1 
ATOM   458 O "O3'" . DC  B 1 11 ? 5.730   14.590  -11.282 1.00 11.25 ? 23 DC  B "O3'" 1 
ATOM   459 C "C2'" . DC  B 1 11 ? 3.811   13.121  -11.505 1.00 11.23 ? 23 DC  B "C2'" 1 
ATOM   460 C "C1'" . DC  B 1 11 ? 3.204   12.147  -10.576 1.00 11.22 ? 23 DC  B "C1'" 1 
ATOM   461 N N1    . DC  B 1 11 ? 1.739   12.367  -10.522 1.00 11.16 ? 23 DC  B N1    1 
ATOM   462 C C2    . DC  B 1 11 ? 0.959   11.433  -11.200 1.00 11.11 ? 23 DC  B C2    1 
ATOM   463 O O2    . DC  B 1 11 ? 1.474   10.515  -11.806 1.00 11.05 ? 23 DC  B O2    1 
ATOM   464 N N3    . DC  B 1 11 ? -0.371  11.612  -11.144 1.00 11.09 ? 23 DC  B N3    1 
ATOM   465 C C4    . DC  B 1 11 ? -0.930  12.646  -10.451 1.00 11.12 ? 23 DC  B C4    1 
ATOM   466 N N4    . DC  B 1 11 ? -2.277  12.744  -10.470 1.00 11.14 ? 23 DC  B N4    1 
ATOM   467 C C5    . DC  B 1 11 ? -0.136  13.581  -9.749  1.00 11.11 ? 23 DC  B C5    1 
ATOM   468 C C6    . DC  B 1 11 ? 1.198   13.399  -9.809  1.00 11.13 ? 23 DC  B C6    1 
ATOM   469 P P     . DG  B 1 12 ? 5.669   15.102  -12.799 1.00 11.95 ? 24 DG  B P     1 
ATOM   470 O OP1   . DG  B 1 12 ? 6.845   15.792  -13.326 1.00 11.49 ? 24 DG  B OP1   1 
ATOM   471 O OP2   . DG  B 1 12 ? 4.506   16.131  -12.715 1.00 11.51 ? 24 DG  B OP2   1 
ATOM   472 O "O5'" . DG  B 1 12 ? 5.224   13.790  -13.607 1.00 10.68 ? 24 DG  B "O5'" 1 
ATOM   473 C "C5'" . DG  B 1 12 ? 4.384   14.044  -14.774 1.00 10.54 ? 24 DG  B "C5'" 1 
ATOM   474 C "C4'" . DG  B 1 12 ? 4.777   13.075  -15.857 1.00 10.49 ? 24 DG  B "C4'" 1 
ATOM   475 O "O4'" . DG  B 1 12 ? 4.038   11.854  -15.656 1.00 10.43 ? 24 DG  B "O4'" 1 
ATOM   476 C "C3'" . DG  B 1 12 ? 4.401   13.507  -17.287 1.00 10.46 ? 24 DG  B "C3'" 1 
ATOM   477 O "O3'" . DG  B 1 12 ? 5.236   12.944  -18.322 1.00 10.45 ? 24 DG  B "O3'" 1 
ATOM   478 C "C2'" . DG  B 1 12 ? 2.952   13.066  -17.399 1.00 10.40 ? 24 DG  B "C2'" 1 
ATOM   479 C "C1'" . DG  B 1 12 ? 2.727   12.156  -16.238 1.00 10.37 ? 24 DG  B "C1'" 1 
ATOM   480 N N9    . DG  B 1 12 ? 1.892   12.804  -15.217 1.00 10.28 ? 24 DG  B N9    1 
ATOM   481 C C8    . DG  B 1 12 ? 2.297   13.624  -14.201 1.00 10.26 ? 24 DG  B C8    1 
ATOM   482 N N7    . DG  B 1 12 ? 1.300   14.039  -13.452 1.00 10.24 ? 24 DG  B N7    1 
ATOM   483 C C5    . DG  B 1 12 ? 0.179   13.450  -14.017 1.00 10.21 ? 24 DG  B C5    1 
ATOM   484 C C6    . DG  B 1 12 ? -1.191  13.490  -13.643 1.00 10.20 ? 24 DG  B C6    1 
ATOM   485 O O6    . DG  B 1 12 ? -1.669  14.107  -12.700 1.00 10.17 ? 24 DG  B O6    1 
ATOM   486 N N1    . DG  B 1 12 ? -2.018  12.754  -14.449 1.00 10.17 ? 24 DG  B N1    1 
ATOM   487 C C2    . DG  B 1 12 ? -1.541  12.019  -15.486 1.00 10.19 ? 24 DG  B C2    1 
ATOM   488 N N2    . DG  B 1 12 ? -2.449  11.340  -16.187 1.00 10.19 ? 24 DG  B N2    1 
ATOM   489 N N3    . DG  B 1 12 ? -0.273  11.939  -15.881 1.00 10.22 ? 24 DG  B N3    1 
ATOM   490 C C4    . DG  B 1 12 ? 0.532   12.685  -15.097 1.00 10.23 ? 24 DG  B C4    1 
HETATM 491 C C1    . HT1 C 2 .  ? 2.452   8.349   -0.317  1.00 30.90 ? 25 HT1 B C1    1 
HETATM 492 O O1    . HT1 C 2 .  ? 3.274   8.906   -1.140  1.00 30.90 ? 25 HT1 B O1    1 
HETATM 493 C C2    . HT1 C 2 .  ? 1.713   7.262   -0.898  1.00 30.90 ? 25 HT1 B C2    1 
HETATM 494 C C3    . HT1 C 2 .  ? 0.792   6.616   -0.056  1.00 30.89 ? 25 HT1 B C3    1 
HETATM 495 C C4    . HT1 C 2 .  ? 0.608   6.973   1.307   1.00 30.88 ? 25 HT1 B C4    1 
HETATM 496 C C5    . HT1 C 2 .  ? 1.316   8.096   1.863   1.00 30.88 ? 25 HT1 B C5    1 
HETATM 497 C C6    . HT1 C 2 .  ? 2.256   8.754   1.029   1.00 30.89 ? 25 HT1 B C6    1 
HETATM 498 C C7    . HT1 C 2 .  ? -0.230  6.190   2.126   1.00 30.86 ? 25 HT1 B C7    1 
HETATM 499 N N1    . HT1 C 2 .  ? -0.784  4.919   1.802   1.00 30.86 ? 25 HT1 B N1    1 
HETATM 500 C C8    . HT1 C 2 .  ? -1.636  4.544   2.893   1.00 30.87 ? 25 HT1 B C8    1 
HETATM 501 C C9    . HT1 C 2 .  ? -1.647  5.605   3.923   1.00 30.88 ? 25 HT1 B C9    1 
HETATM 502 N N2    . HT1 C 2 .  ? -0.745  6.583   3.381   1.00 30.86 ? 25 HT1 B N2    1 
HETATM 503 C C10   . HT1 C 2 .  ? -2.419  5.424   5.085   1.00 30.88 ? 25 HT1 B C10   1 
HETATM 504 C C11   . HT1 C 2 .  ? -3.158  4.260   5.260   1.00 30.87 ? 25 HT1 B C11   1 
HETATM 505 C C12   . HT1 C 2 .  ? -3.172  3.262   4.208   1.00 30.87 ? 25 HT1 B C12   1 
HETATM 506 C C13   . HT1 C 2 .  ? -2.351  3.388   3.040   1.00 30.87 ? 25 HT1 B C13   1 
HETATM 507 C C14   . HT1 C 2 .  ? -3.987  2.159   4.370   1.00 30.86 ? 25 HT1 B C14   1 
HETATM 508 N N3    . HT1 C 2 .  ? -3.463  0.837   4.102   1.00 30.87 ? 25 HT1 B N3    1 
HETATM 509 C C15   . HT1 C 2 .  ? -4.440  -0.078  4.509   1.00 30.87 ? 25 HT1 B C15   1 
HETATM 510 C C16   . HT1 C 2 .  ? -5.614  0.685   4.965   1.00 30.86 ? 25 HT1 B C16   1 
HETATM 511 N N4    . HT1 C 2 .  ? -5.316  2.028   4.862   1.00 30.86 ? 25 HT1 B N4    1 
HETATM 512 C C17   . HT1 C 2 .  ? -6.733  0.067   5.367   1.00 30.85 ? 25 HT1 B C17   1 
HETATM 513 C C18   . HT1 C 2 .  ? -6.778  -1.387  5.348   1.00 30.85 ? 25 HT1 B C18   1 
HETATM 514 C C19   . HT1 C 2 .  ? -5.654  -2.118  4.900   1.00 30.85 ? 25 HT1 B C19   1 
HETATM 515 C C20   . HT1 C 2 .  ? -4.445  -1.441  4.488   1.00 30.86 ? 25 HT1 B C20   1 
HETATM 516 N N5    . HT1 C 2 .  ? -5.713  -3.489  4.842   1.00 30.84 ? 25 HT1 B N5    1 
HETATM 517 C C21   . HT1 C 2 .  ? -7.013  -4.083  4.700   1.00 30.84 ? 25 HT1 B C21   1 
HETATM 518 C C22   . HT1 C 2 .  ? -6.976  -5.340  3.982   1.00 30.83 ? 25 HT1 B C22   1 
HETATM 519 N N6    . HT1 C 2 .  ? -5.916  -6.187  4.422   1.00 30.83 ? 25 HT1 B N6    1 
HETATM 520 C C23   . HT1 C 2 .  ? -4.718  -5.672  4.924   1.00 30.82 ? 25 HT1 B C23   1 
HETATM 521 C C24   . HT1 C 2 .  ? -4.563  -4.266  4.996   1.00 30.84 ? 25 HT1 B C24   1 
HETATM 522 C C25   . HT1 C 2 .  ? -6.436  -7.204  5.181   1.00 30.80 ? 25 HT1 B C25   1 
HETATM 523 C C26   . HT1 C 2 .  ? 3.933   8.430   -2.359  1.00 30.89 ? 25 HT1 B C26   1 
HETATM 524 C C27   . HT1 C 2 .  ? 3.983   9.430   -3.522  1.00 30.88 ? 25 HT1 B C27   1 
HETATM 525 O O     . HOH D 3 .  ? -8.296  1.772   9.606   1.00 21.06 ? 27 HOH A O     1 
HETATM 526 O O     . HOH D 3 .  ? -15.243 -3.161  2.066   1.00 17.83 ? 28 HOH A O     1 
HETATM 527 O O     . HOH D 3 .  ? -3.672  -2.366  14.179  1.00 9.49  ? 29 HOH A O     1 
HETATM 528 O O     . HOH D 3 .  ? 9.641   -0.466  -1.759  1.00 9.69  ? 34 HOH A O     1 
HETATM 529 O O     . HOH D 3 .  ? 12.501  3.733   1.994   1.00 12.03 ? 36 HOH A O     1 
HETATM 530 O O     . HOH D 3 .  ? 8.240   -4.599  -7.274  1.00 18.66 ? 37 HOH A O     1 
HETATM 531 O O     . HOH D 3 .  ? 1.182   -4.757  -9.729  1.00 2.50  ? 38 HOH A O     1 
HETATM 532 O O     . HOH D 3 .  ? 0.559   10.303  8.931   1.00 3.63  ? 41 HOH A O     1 
HETATM 533 O O     . HOH D 3 .  ? -0.345  -2.824  -7.901  1.00 11.27 ? 42 HOH A O     1 
HETATM 534 O O     . HOH D 3 .  ? -6.010  -1.789  -11.535 1.00 19.27 ? 47 HOH A O     1 
HETATM 535 O O     . HOH D 3 .  ? 9.298   7.748   1.345   1.00 5.89  ? 48 HOH A O     1 
HETATM 536 O O     . HOH D 3 .  ? 11.476  -1.071  -8.456  1.00 2.50  ? 49 HOH A O     1 
HETATM 537 O O     . HOH D 3 .  ? -11.632 4.277   -12.460 1.00 2.50  ? 50 HOH A O     1 
HETATM 538 O O     . HOH D 3 .  ? -8.896  3.161   12.937  1.00 2.50  ? 54 HOH A O     1 
HETATM 539 O O     . HOH D 3 .  ? -11.851 0.859   8.924   1.00 2.50  ? 56 HOH A O     1 
HETATM 540 O O     . HOH D 3 .  ? -13.083 -1.247  6.064   1.00 2.50  ? 57 HOH A O     1 
HETATM 541 O O     . HOH D 3 .  ? 9.356   -1.361  6.909   1.00 2.50  ? 58 HOH A O     1 
HETATM 542 O O     . HOH D 3 .  ? -8.721  7.273   12.310  1.00 2.50  ? 61 HOH A O     1 
HETATM 543 O O     . HOH D 3 .  ? 1.796   6.710   12.432  1.00 2.50  ? 62 HOH A O     1 
HETATM 544 O O     . HOH D 3 .  ? 7.013   9.833   10.006  1.00 16.51 ? 68 HOH A O     1 
HETATM 545 O O     . HOH D 3 .  ? -2.311  -0.256  12.108  1.00 2.50  ? 73 HOH A O     1 
HETATM 546 O O     . HOH D 3 .  ? 1.137   3.722   14.938  1.00 5.18  ? 74 HOH A O     1 
HETATM 547 O O     . HOH D 3 .  ? -10.700 4.901   14.072  1.00 6.91  ? 77 HOH A O     1 
HETATM 548 O O     . HOH D 3 .  ? 3.468   -3.667  -4.257  1.00 11.24 ? 82 HOH A O     1 
HETATM 549 O O     . HOH D 3 .  ? -6.023  -2.904  -8.080  1.00 2.50  ? 84 HOH A O     1 
HETATM 550 O O     . HOH D 3 .  ? -1.802  -12.407 17.063  1.00 2.50  ? 87 HOH A O     1 
HETATM 551 O O     . HOH D 3 .  ? -3.005  -3.477  -11.458 1.00 2.50  ? 88 HOH A O     1 
HETATM 552 O O     . HOH D 3 .  ? -11.024 1.284   -9.963  1.00 2.50  ? 89 HOH A O     1 
HETATM 553 O O     . HOH D 3 .  ? 3.154   10.150  10.094  1.00 28.40 ? 91 HOH A O     1 
HETATM 554 O O     . HOH D 3 .  ? -2.813  -2.148  -7.463  1.00 46.15 ? 93 HOH A O     1 
HETATM 555 O O     . HOH E 3 .  ? 16.997  -4.809  6.546   1.00 7.43  ? 26 HOH B O     1 
HETATM 556 O O     . HOH E 3 .  ? 5.450   -4.948  0.047   1.00 2.50  ? 30 HOH B O     1 
HETATM 557 O O     . HOH E 3 .  ? 9.128   -3.549  2.092   1.00 8.05  ? 31 HOH B O     1 
HETATM 558 O O     . HOH E 3 .  ? -11.645 -1.219  -1.214  1.00 32.73 ? 32 HOH B O     1 
HETATM 559 O O     . HOH E 3 .  ? -13.223 -2.348  -3.622  1.00 2.50  ? 33 HOH B O     1 
HETATM 560 O O     . HOH E 3 .  ? -1.988  -5.493  -5.270  1.00 38.12 ? 35 HOH B O     1 
HETATM 561 O O     . HOH E 3 .  ? -11.010 -3.633  -9.249  1.00 38.31 ? 39 HOH B O     1 
HETATM 562 O O     . HOH E 3 .  ? -1.573  15.951  -1.347  1.00 2.50  ? 40 HOH B O     1 
HETATM 563 O O     . HOH E 3 .  ? 5.928   13.522  -5.228  1.00 2.50  ? 43 HOH B O     1 
HETATM 564 O O     . HOH E 3 .  ? 0.118   9.726   5.264   1.00 18.43 ? 44 HOH B O     1 
HETATM 565 O O     . HOH E 3 .  ? -9.256  7.852   1.615   1.00 8.97  ? 45 HOH B O     1 
HETATM 566 O O     . HOH E 3 .  ? 7.706   11.777  -4.207  1.00 18.90 ? 46 HOH B O     1 
HETATM 567 O O     . HOH E 3 .  ? -15.252 1.061   -10.119 1.00 2.50  ? 51 HOH B O     1 
HETATM 568 O O     . HOH E 3 .  ? -13.427 -2.172  -9.267  1.00 2.50  ? 52 HOH B O     1 
HETATM 569 O O     . HOH E 3 .  ? 13.807  -9.123  1.419   1.00 5.83  ? 53 HOH B O     1 
HETATM 570 O O     . HOH E 3 .  ? 18.566  -7.454  4.034   1.00 2.50  ? 55 HOH B O     1 
HETATM 571 O O     . HOH E 3 .  ? 9.763   -8.139  10.707  1.00 2.50  ? 59 HOH B O     1 
HETATM 572 O O     . HOH E 3 .  ? 7.383   -7.894  0.245   1.00 2.50  ? 60 HOH B O     1 
HETATM 573 O O     . HOH E 3 .  ? 11.844  -4.575  -0.228  1.00 2.50  ? 63 HOH B O     1 
HETATM 574 O O     . HOH E 3 .  ? -3.470  8.098   10.662  1.00 2.50  ? 64 HOH B O     1 
HETATM 575 O O     . HOH E 3 .  ? 12.457  -14.535 7.080   1.00 2.50  ? 65 HOH B O     1 
HETATM 576 O O     . HOH E 3 .  ? -7.635  10.108  8.214   1.00 8.86  ? 66 HOH B O     1 
HETATM 577 O O     . HOH E 3 .  ? 15.792  -3.369  -0.820  1.00 2.50  ? 67 HOH B O     1 
HETATM 578 O O     . HOH E 3 .  ? -12.662 -1.289  -6.005  1.00 2.50  ? 69 HOH B O     1 
HETATM 579 O O     . HOH E 3 .  ? -8.771  13.036  1.373   1.00 2.50  ? 70 HOH B O     1 
HETATM 580 O O     . HOH E 3 .  ? -10.149 11.104  0.271   1.00 2.50  ? 71 HOH B O     1 
HETATM 581 O O     . HOH E 3 .  ? 11.900  -13.200 -1.581  1.00 12.60 ? 72 HOH B O     1 
HETATM 582 O O     . HOH E 3 .  ? 17.664  -9.499  1.323   1.00 2.50  ? 75 HOH B O     1 
HETATM 583 O O     . HOH E 3 .  ? 13.679  -9.815  7.181   1.00 2.50  ? 76 HOH B O     1 
HETATM 584 O O     . HOH E 3 .  ? 21.803  -5.310  0.645   1.00 2.50  ? 78 HOH B O     1 
HETATM 585 O O     . HOH E 3 .  ? 18.119  -6.597  -0.570  1.00 2.50  ? 79 HOH B O     1 
HETATM 586 O O     . HOH E 3 .  ? 8.792   -2.854  -1.099  1.00 32.10 ? 80 HOH B O     1 
HETATM 587 O O     . HOH E 3 .  ? 8.064   -5.310  -2.580  1.00 2.50  ? 81 HOH B O     1 
HETATM 588 O O     . HOH E 3 .  ? -5.421  8.951   6.835   1.00 2.50  ? 83 HOH B O     1 
HETATM 589 O O     . HOH E 3 .  ? -7.741  -2.273  -6.229  1.00 2.50  ? 85 HOH B O     1 
HETATM 590 O O     . HOH E 3 .  ? 5.636   11.545  -7.853  1.00 2.50  ? 86 HOH B O     1 
HETATM 591 O O     . HOH E 3 .  ? 19.215  -4.458  4.399   1.00 2.50  ? 90 HOH B O     1 
HETATM 592 O O     . HOH E 3 .  ? 12.930  -7.579  12.213  1.00 36.82 ? 92 HOH B O     1 
# 
